data_6BMI
#
_entry.id   6BMI
#
_cell.length_a   114.750
_cell.length_b   114.750
_cell.length_c   322.336
_cell.angle_alpha   90.000
_cell.angle_beta   90.000
_cell.angle_gamma   120.000
#
_symmetry.space_group_name_H-M   'P 61'
#
loop_
_entity.id
_entity.type
_entity.pdbx_description
1 polymer 'Glutamate transporter homolog'
2 non-polymer 'SODIUM ION'
3 non-polymer SERINE
#
_entity_poly.entity_id   1
_entity_poly.type   'polypeptide(L)'
_entity_poly.pdbx_seq_one_letter_code
;MGLYRKYIEYPVLQKILIGLILGAIVGLILGHYGYADAVKTYVKPFGDLFVRLLKMLVMPIVFASLVVGAASISPARLGR
VGVKIVVYYLLTSAFAVTLGIIMARLFNPGAGIHLAVGGQQFQPKQAPPLVKILLDIVPTNPFGALANGQVLPTIFFAII
LGIAITYLMNSENEKVRKSAETLLDAINGLAEAMYKIVNGVMQYAPIGVFALIAYVMAEQGVKVVGELAKVTAAVYVGLT
LQILLVYFVLLKIYGIDPISFIKKAKDAMLTAFVTRSSSGTLPVTMRVAKEMGISEGIYSFTLPLGATINMDGTALYQGV
CTFFIANALGSHLTVGQQLTIVLTAVLASIGTAGVPGAGAIMLAMVLESVGLPLTDPNVAAAYAMILGIDAILDMGCTMV
NVTGDLTGTAIVAKTEGTLV
;
_entity_poly.pdbx_strand_id   A,B,C
#
# COMPACT_ATOMS: atom_id res chain seq x y z
N GLU A 9 -6.43 14.90 33.83
CA GLU A 9 -6.32 16.24 34.51
C GLU A 9 -4.85 16.61 34.69
N TYR A 10 -4.61 17.71 35.42
CA TYR A 10 -3.26 18.14 35.86
C TYR A 10 -2.42 18.80 34.73
N PRO A 11 -1.69 19.91 35.05
CA PRO A 11 -0.75 20.53 34.10
C PRO A 11 0.31 19.54 33.55
N VAL A 12 0.23 19.28 32.25
CA VAL A 12 0.94 18.14 31.63
C VAL A 12 2.43 18.34 31.29
N LEU A 13 2.89 19.60 31.25
CA LEU A 13 4.32 19.88 31.04
C LEU A 13 5.13 19.62 32.33
N GLN A 14 4.41 19.36 33.42
CA GLN A 14 5.02 18.92 34.67
C GLN A 14 5.00 17.41 34.82
N LYS A 15 3.84 16.80 34.54
CA LYS A 15 3.67 15.34 34.56
C LYS A 15 4.75 14.62 33.75
N ILE A 16 5.15 15.24 32.63
CA ILE A 16 6.24 14.74 31.81
C ILE A 16 7.58 14.85 32.54
N LEU A 17 7.85 16.02 33.11
CA LEU A 17 9.07 16.24 33.90
C LEU A 17 9.16 15.34 35.13
N ILE A 18 8.03 15.14 35.81
CA ILE A 18 7.95 14.21 36.93
C ILE A 18 8.29 12.79 36.46
N GLY A 19 7.62 12.37 35.39
CA GLY A 19 7.85 11.06 34.78
C GLY A 19 9.28 10.85 34.34
N LEU A 20 9.87 11.90 33.77
CA LEU A 20 11.25 11.86 33.29
C LEU A 20 12.27 11.75 34.43
N ILE A 21 12.09 12.53 35.50
CA ILE A 21 13.01 12.49 36.66
C ILE A 21 12.80 11.19 37.45
N LEU A 22 11.54 10.86 37.72
CA LEU A 22 11.17 9.63 38.42
C LEU A 22 11.52 8.38 37.61
N GLY A 23 11.50 8.50 36.28
CA GLY A 23 11.85 7.40 35.40
C GLY A 23 13.33 7.05 35.45
N ALA A 24 14.17 8.08 35.49
CA ALA A 24 15.63 7.92 35.52
C ALA A 24 16.09 7.24 36.80
N ILE A 25 15.44 7.59 37.90
CA ILE A 25 15.72 7.03 39.22
C ILE A 25 15.27 5.56 39.32
N VAL A 26 14.01 5.29 38.97
CA VAL A 26 13.46 3.93 38.94
C VAL A 26 14.20 3.10 37.90
N GLY A 27 14.76 3.77 36.90
CA GLY A 27 15.54 3.10 35.86
C GLY A 27 16.89 2.66 36.37
N LEU A 28 17.77 3.64 36.58
CA LEU A 28 19.14 3.37 36.99
C LEU A 28 19.24 2.36 38.13
N ILE A 29 18.28 2.44 39.06
CA ILE A 29 18.26 1.57 40.25
C ILE A 29 17.86 0.13 39.93
N LEU A 30 16.74 -0.05 39.23
CA LEU A 30 16.24 -1.38 38.88
C LEU A 30 17.28 -2.18 38.10
N GLY A 31 17.94 -1.51 37.15
CA GLY A 31 18.91 -2.15 36.27
C GLY A 31 20.21 -2.55 36.94
N HIS A 32 20.63 -1.74 37.91
CA HIS A 32 21.85 -1.97 38.67
C HIS A 32 21.69 -3.19 39.59
N TYR A 33 20.44 -3.56 39.86
CA TYR A 33 20.12 -4.75 40.68
C TYR A 33 19.82 -5.99 39.84
N GLY A 34 19.92 -5.85 38.52
CA GLY A 34 19.77 -6.98 37.61
C GLY A 34 18.42 -7.09 36.96
N TYR A 35 17.54 -6.12 37.22
CA TYR A 35 16.20 -6.14 36.66
C TYR A 35 16.12 -5.52 35.26
N ALA A 36 17.24 -5.55 34.54
CA ALA A 36 17.30 -5.14 33.15
C ALA A 36 16.25 -5.88 32.32
N ASP A 37 16.10 -7.18 32.61
CA ASP A 37 15.06 -8.00 32.01
C ASP A 37 13.66 -7.55 32.42
N ALA A 38 13.45 -7.42 33.73
CA ALA A 38 12.14 -7.12 34.30
C ALA A 38 11.54 -5.84 33.71
N VAL A 39 12.37 -4.81 33.59
CA VAL A 39 11.94 -3.54 33.02
C VAL A 39 11.48 -3.75 31.58
N LYS A 40 12.26 -4.51 30.81
CA LYS A 40 12.00 -4.75 29.39
C LYS A 40 10.67 -5.43 29.12
N THR A 41 10.30 -6.38 29.96
CA THR A 41 9.11 -7.16 29.74
C THR A 41 7.85 -6.51 30.32
N TYR A 42 8.02 -5.67 31.35
CA TYR A 42 6.89 -5.09 32.09
C TYR A 42 6.67 -3.59 31.82
N VAL A 43 7.75 -2.82 31.88
CA VAL A 43 7.65 -1.36 31.79
C VAL A 43 7.66 -0.90 30.34
N LYS A 44 8.59 -1.43 29.55
CA LYS A 44 8.82 -0.97 28.19
C LYS A 44 7.56 -0.94 27.32
N PRO A 45 6.72 -1.99 27.34
CA PRO A 45 5.50 -1.96 26.52
C PRO A 45 4.68 -0.67 26.64
N PHE A 46 4.64 -0.06 27.83
CA PHE A 46 3.93 1.20 28.03
C PHE A 46 4.62 2.35 27.30
N GLY A 47 5.95 2.31 27.31
CA GLY A 47 6.76 3.27 26.57
C GLY A 47 6.63 3.09 25.08
N ASP A 48 6.36 1.86 24.66
CA ASP A 48 6.19 1.55 23.24
C ASP A 48 4.87 2.05 22.72
N LEU A 49 3.79 1.86 23.50
CA LEU A 49 2.47 2.35 23.14
C LEU A 49 2.50 3.85 22.82
N PHE A 50 3.30 4.61 23.56
CA PHE A 50 3.49 6.04 23.29
C PHE A 50 4.11 6.25 21.90
N VAL A 51 5.24 5.59 21.64
CA VAL A 51 5.92 5.70 20.35
C VAL A 51 5.01 5.32 19.20
N ARG A 52 4.24 4.26 19.38
CA ARG A 52 3.32 3.76 18.36
C ARG A 52 2.29 4.83 18.05
N LEU A 53 1.71 5.41 19.10
CA LEU A 53 0.64 6.38 18.94
C LEU A 53 1.10 7.63 18.21
N LEU A 54 2.38 7.97 18.37
CA LEU A 54 2.95 9.12 17.67
C LEU A 54 3.23 8.82 16.20
N LYS A 55 3.87 7.68 15.92
CA LYS A 55 4.14 7.24 14.55
C LYS A 55 2.84 7.15 13.77
N MET A 56 1.79 6.73 14.45
CA MET A 56 0.46 6.63 13.88
C MET A 56 0.04 7.89 13.12
N LEU A 57 0.43 9.05 13.66
CA LEU A 57 -0.04 10.33 13.16
C LEU A 57 0.85 10.96 12.07
N VAL A 58 2.08 10.48 11.96
CA VAL A 58 3.08 11.10 11.07
C VAL A 58 2.63 11.21 9.63
N MET A 59 2.12 10.12 9.07
CA MET A 59 1.79 10.13 7.64
C MET A 59 0.61 11.04 7.27
N PRO A 60 -0.54 10.91 7.95
CA PRO A 60 -1.62 11.85 7.68
C PRO A 60 -1.21 13.31 7.87
N ILE A 61 -0.67 13.67 9.04
CA ILE A 61 -0.24 15.05 9.34
C ILE A 61 0.70 15.63 8.30
N VAL A 62 1.81 14.95 8.02
CA VAL A 62 2.81 15.51 7.12
C VAL A 62 2.21 15.81 5.76
N PHE A 63 1.48 14.85 5.22
CA PHE A 63 0.83 15.00 3.92
C PHE A 63 -0.25 16.06 3.96
N ALA A 64 -1.25 15.87 4.84
CA ALA A 64 -2.41 16.75 4.90
C ALA A 64 -2.04 18.21 5.20
N SER A 65 -1.16 18.41 6.20
CA SER A 65 -0.69 19.75 6.54
C SER A 65 0.01 20.43 5.37
N LEU A 66 0.85 19.69 4.66
CA LEU A 66 1.64 20.26 3.57
C LEU A 66 0.84 20.59 2.32
N VAL A 67 -0.20 19.82 2.00
CA VAL A 67 -1.04 20.20 0.86
C VAL A 67 -1.69 21.55 1.14
N VAL A 68 -2.25 21.71 2.34
CA VAL A 68 -2.85 22.97 2.78
C VAL A 68 -1.84 24.11 2.76
N GLY A 69 -0.70 23.88 3.41
CA GLY A 69 0.37 24.88 3.54
C GLY A 69 0.98 25.32 2.23
N ALA A 70 1.22 24.37 1.31
CA ALA A 70 1.77 24.68 0.00
C ALA A 70 0.71 25.32 -0.89
N ALA A 71 -0.55 25.00 -0.63
CA ALA A 71 -1.64 25.64 -1.33
C ALA A 71 -1.95 27.00 -0.74
N SER A 72 -1.35 27.29 0.41
CA SER A 72 -1.57 28.54 1.13
C SER A 72 -0.59 29.63 0.71
N ILE A 73 0.69 29.27 0.60
CA ILE A 73 1.73 30.25 0.30
C ILE A 73 2.10 30.30 -1.19
N SER A 74 2.82 31.35 -1.58
CA SER A 74 3.26 31.58 -2.96
C SER A 74 4.34 30.58 -3.40
N PRO A 75 4.24 30.05 -4.63
CA PRO A 75 5.24 29.12 -5.17
C PRO A 75 6.63 29.74 -5.24
N ALA A 76 6.70 31.06 -5.18
CA ALA A 76 7.97 31.76 -5.10
C ALA A 76 8.47 31.80 -3.67
N ARG A 77 7.58 32.19 -2.76
CA ARG A 77 7.87 32.28 -1.33
C ARG A 77 8.41 30.96 -0.82
N LEU A 78 7.84 29.85 -1.32
CA LEU A 78 8.16 28.49 -0.87
C LEU A 78 9.58 28.08 -1.24
N GLY A 79 9.98 28.39 -2.47
CA GLY A 79 11.33 28.13 -2.93
C GLY A 79 12.37 28.88 -2.13
N ARG A 80 12.05 30.15 -1.83
CA ARG A 80 12.94 31.00 -1.04
C ARG A 80 13.06 30.46 0.38
N VAL A 81 11.98 29.88 0.89
CA VAL A 81 11.98 29.20 2.18
C VAL A 81 12.88 27.99 2.04
N GLY A 82 12.71 27.25 0.95
CA GLY A 82 13.48 26.04 0.70
C GLY A 82 14.98 26.23 0.70
N VAL A 83 15.43 27.20 -0.10
CA VAL A 83 16.85 27.52 -0.23
C VAL A 83 17.43 28.07 1.09
N LYS A 84 16.62 28.79 1.85
CA LYS A 84 17.05 29.34 3.14
C LYS A 84 17.26 28.26 4.18
N ILE A 85 16.30 27.34 4.29
CA ILE A 85 16.34 26.29 5.33
C ILE A 85 17.44 25.29 5.08
N VAL A 86 17.73 25.02 3.81
CA VAL A 86 18.79 24.08 3.42
C VAL A 86 20.16 24.69 3.73
N VAL A 87 20.34 25.96 3.37
CA VAL A 87 21.56 26.70 3.68
C VAL A 87 21.78 26.71 5.19
N TYR A 88 20.68 26.91 5.91
CA TYR A 88 20.71 26.88 7.36
C TYR A 88 21.13 25.51 7.89
N TYR A 89 20.49 24.44 7.36
CA TYR A 89 20.68 23.07 7.86
C TYR A 89 22.12 22.57 7.74
N LEU A 90 22.74 22.86 6.60
CA LEU A 90 24.11 22.43 6.28
C LEU A 90 25.10 23.14 7.18
N LEU A 91 24.93 24.45 7.31
CA LEU A 91 25.80 25.25 8.14
C LEU A 91 25.70 24.90 9.63
N THR A 92 24.50 24.57 10.10
CA THR A 92 24.31 24.16 11.48
C THR A 92 24.92 22.78 11.71
N SER A 93 24.71 21.90 10.74
CA SER A 93 25.26 20.55 10.80
C SER A 93 26.80 20.55 10.70
N ALA A 94 27.35 21.46 9.90
CA ALA A 94 28.80 21.62 9.81
C ALA A 94 29.37 22.12 11.13
N PHE A 95 28.69 23.12 11.69
CA PHE A 95 29.11 23.71 12.96
C PHE A 95 29.07 22.69 14.08
N ALA A 96 28.10 21.78 14.01
CA ALA A 96 27.93 20.77 15.05
C ALA A 96 29.05 19.71 15.08
N VAL A 97 29.66 19.45 13.93
CA VAL A 97 30.75 18.49 13.87
C VAL A 97 32.00 19.12 14.45
N THR A 98 32.33 20.33 13.99
CA THR A 98 33.52 21.06 14.47
C THR A 98 33.44 21.39 15.96
N LEU A 99 32.23 21.39 16.50
CA LEU A 99 32.00 21.57 17.93
C LEU A 99 32.17 20.25 18.67
N GLY A 100 31.86 19.14 17.99
CA GLY A 100 32.04 17.80 18.54
C GLY A 100 33.50 17.38 18.58
N ILE A 101 34.25 17.79 17.56
CA ILE A 101 35.69 17.57 17.48
C ILE A 101 36.39 18.35 18.59
N ILE A 102 35.95 19.58 18.81
CA ILE A 102 36.46 20.42 19.89
C ILE A 102 36.25 19.77 21.26
N MET A 103 35.11 19.11 21.44
CA MET A 103 34.83 18.36 22.66
C MET A 103 35.64 17.07 22.76
N ALA A 104 35.93 16.48 21.61
CA ALA A 104 36.65 15.22 21.54
C ALA A 104 38.15 15.43 21.69
N ARG A 105 38.58 16.68 21.62
CA ARG A 105 39.97 17.01 21.87
C ARG A 105 40.09 17.68 23.24
N LEU A 106 39.03 18.35 23.67
CA LEU A 106 38.95 18.96 24.99
C LEU A 106 38.95 17.86 26.05
N PHE A 107 38.05 16.88 25.87
CA PHE A 107 38.11 15.63 26.61
C PHE A 107 39.04 14.71 25.84
N ASN A 108 39.49 13.64 26.48
CA ASN A 108 40.21 12.59 25.77
C ASN A 108 39.54 11.24 25.91
N PRO A 109 38.52 10.98 25.07
CA PRO A 109 37.72 9.77 25.18
C PRO A 109 38.47 8.58 24.58
N GLY A 110 38.75 7.61 25.45
CA GLY A 110 39.44 6.39 25.06
C GLY A 110 40.88 6.60 24.65
N ALA A 111 41.57 7.54 25.29
CA ALA A 111 42.95 7.85 24.97
C ALA A 111 43.92 6.74 25.41
N GLY A 112 43.90 6.40 26.69
CA GLY A 112 44.82 5.42 27.25
C GLY A 112 44.42 3.97 27.01
N ILE A 113 43.15 3.76 26.69
CA ILE A 113 42.59 2.41 26.62
C ILE A 113 43.22 1.53 25.54
N HIS A 114 43.42 0.25 25.88
CA HIS A 114 43.78 -0.81 24.93
C HIS A 114 42.82 -2.00 25.11
N LEU A 115 41.84 -2.10 24.22
CA LEU A 115 40.68 -2.97 24.45
C LEU A 115 40.79 -4.38 23.84
N ALA A 116 39.91 -5.26 24.31
CA ALA A 116 39.87 -6.68 23.89
C ALA A 116 39.39 -6.84 22.46
N VAL A 117 40.24 -7.45 21.63
CA VAL A 117 40.00 -7.56 20.20
C VAL A 117 39.40 -8.90 19.82
N GLY A 118 38.72 -8.93 18.68
CA GLY A 118 38.21 -10.17 18.11
C GLY A 118 36.91 -10.67 18.68
N GLY A 119 36.36 -9.92 19.63
CA GLY A 119 35.08 -10.25 20.24
C GLY A 119 33.94 -10.13 19.25
N GLN A 120 33.74 -8.92 18.73
CA GLN A 120 32.64 -8.62 17.82
C GLN A 120 33.17 -8.15 16.47
N GLN A 121 32.43 -8.49 15.40
CA GLN A 121 32.79 -8.08 14.04
C GLN A 121 31.62 -7.40 13.34
N PHE A 122 31.93 -6.50 12.40
CA PHE A 122 30.89 -5.78 11.66
C PHE A 122 31.15 -5.76 10.15
N GLN A 123 30.06 -5.59 9.38
CA GLN A 123 30.13 -5.33 7.94
C GLN A 123 29.03 -4.33 7.60
N PRO A 124 29.41 -3.06 7.33
CA PRO A 124 28.38 -2.04 7.06
C PRO A 124 27.76 -2.18 5.68
N LYS A 125 26.46 -1.88 5.59
CA LYS A 125 25.76 -1.86 4.30
C LYS A 125 26.25 -0.65 3.51
N GLN A 126 26.69 -0.90 2.28
CA GLN A 126 27.23 0.14 1.41
C GLN A 126 26.10 1.01 0.82
N ALA A 127 26.17 2.32 1.06
CA ALA A 127 25.11 3.31 0.73
C ALA A 127 24.79 3.37 -0.78
N PRO A 128 23.48 3.56 -1.13
CA PRO A 128 23.04 3.60 -2.55
C PRO A 128 23.51 4.86 -3.30
N PRO A 129 23.75 4.75 -4.62
CA PRO A 129 24.27 5.85 -5.44
C PRO A 129 23.50 7.17 -5.25
N LEU A 130 24.21 8.30 -5.30
CA LEU A 130 23.58 9.61 -5.10
C LEU A 130 22.49 9.90 -6.12
N VAL A 131 22.79 9.65 -7.39
CA VAL A 131 21.83 9.84 -8.48
C VAL A 131 20.49 9.18 -8.14
N LYS A 132 20.54 7.90 -7.76
CA LYS A 132 19.36 7.12 -7.44
C LYS A 132 18.66 7.63 -6.18
N ILE A 133 19.39 8.27 -5.28
CA ILE A 133 18.79 8.78 -4.05
C ILE A 133 18.00 10.07 -4.28
N LEU A 134 18.47 10.89 -5.22
CA LEU A 134 17.83 12.15 -5.58
C LEU A 134 16.61 11.90 -6.47
N LEU A 135 16.74 11.02 -7.46
CA LEU A 135 15.60 10.61 -8.28
C LEU A 135 14.47 10.03 -7.46
N ASP A 136 14.83 9.37 -6.35
CA ASP A 136 13.84 8.71 -5.48
C ASP A 136 13.03 9.68 -4.63
N ILE A 137 13.39 10.97 -4.69
CA ILE A 137 12.61 11.98 -4.05
C ILE A 137 11.28 12.12 -4.77
N VAL A 138 11.30 11.95 -6.09
CA VAL A 138 10.08 11.98 -6.91
C VAL A 138 9.41 10.60 -6.92
N PRO A 139 8.27 10.45 -6.21
CA PRO A 139 7.67 9.14 -6.03
C PRO A 139 6.95 8.70 -7.29
N THR A 140 7.02 7.40 -7.59
CA THR A 140 6.39 6.87 -8.79
C THR A 140 4.93 6.47 -8.55
N ASN A 141 4.53 6.44 -7.30
CA ASN A 141 3.13 6.24 -6.92
C ASN A 141 2.85 6.86 -5.56
N PRO A 142 2.11 7.98 -5.54
CA PRO A 142 1.83 8.71 -4.30
C PRO A 142 1.17 7.83 -3.25
N PHE A 143 0.12 7.10 -3.64
CA PHE A 143 -0.59 6.22 -2.71
C PHE A 143 0.37 5.16 -2.16
N GLY A 144 1.35 4.78 -2.96
CA GLY A 144 2.42 3.88 -2.53
C GLY A 144 3.28 4.54 -1.47
N ALA A 145 3.76 5.75 -1.78
CA ALA A 145 4.59 6.51 -0.87
C ALA A 145 3.90 6.68 0.48
N LEU A 146 2.63 7.06 0.46
CA LEU A 146 1.88 7.23 1.69
C LEU A 146 1.76 5.91 2.44
N ALA A 147 1.44 4.84 1.72
CA ALA A 147 1.19 3.53 2.30
C ALA A 147 2.35 3.05 3.18
N ASN A 148 3.56 3.10 2.65
CA ASN A 148 4.73 2.66 3.42
C ASN A 148 5.70 3.80 3.74
N GLY A 149 5.74 4.18 5.02
CA GLY A 149 6.62 5.25 5.52
C GLY A 149 6.82 6.38 4.53
N GLN A 150 8.08 6.59 4.15
CA GLN A 150 8.50 7.52 3.05
C GLN A 150 8.07 8.98 3.17
N VAL A 151 8.74 9.70 4.07
CA VAL A 151 8.45 11.10 4.35
C VAL A 151 8.78 11.96 3.14
N LEU A 152 10.03 11.87 2.66
CA LEU A 152 10.53 12.74 1.59
C LEU A 152 9.74 12.69 0.27
N PRO A 153 9.42 11.48 -0.23
CA PRO A 153 8.67 11.44 -1.48
C PRO A 153 7.28 12.06 -1.32
N THR A 154 6.65 11.77 -0.18
CA THR A 154 5.36 12.37 0.18
C THR A 154 5.46 13.90 0.15
N ILE A 155 6.46 14.46 0.83
CA ILE A 155 6.71 15.90 0.86
C ILE A 155 6.62 16.48 -0.53
N PHE A 156 7.30 15.81 -1.48
CA PHE A 156 7.36 16.27 -2.87
C PHE A 156 5.97 16.36 -3.50
N PHE A 157 5.25 15.23 -3.50
CA PHE A 157 3.91 15.18 -4.08
C PHE A 157 2.90 16.12 -3.41
N ALA A 158 3.00 16.28 -2.09
CA ALA A 158 2.11 17.18 -1.32
C ALA A 158 2.24 18.63 -1.76
N ILE A 159 3.45 19.04 -2.12
CA ILE A 159 3.69 20.38 -2.63
C ILE A 159 3.23 20.51 -4.08
N ILE A 160 3.51 19.49 -4.89
CA ILE A 160 3.06 19.45 -6.28
C ILE A 160 1.53 19.48 -6.34
N LEU A 161 0.87 18.85 -5.36
CA LEU A 161 -0.58 18.94 -5.26
C LEU A 161 -0.99 20.30 -4.69
N GLY A 162 -0.31 20.73 -3.64
CA GLY A 162 -0.54 22.05 -3.04
C GLY A 162 -0.55 23.17 -4.06
N ILE A 163 0.46 23.19 -4.93
CA ILE A 163 0.55 24.20 -5.97
C ILE A 163 -0.57 24.01 -7.01
N ALA A 164 -0.94 22.76 -7.26
CA ALA A 164 -1.97 22.44 -8.25
C ALA A 164 -3.35 22.94 -7.84
N ILE A 165 -3.68 22.78 -6.56
CA ILE A 165 -4.94 23.25 -6.02
C ILE A 165 -5.07 24.76 -6.25
N THR A 166 -4.05 25.51 -5.85
CA THR A 166 -4.02 26.97 -5.98
C THR A 166 -4.31 27.48 -7.41
N TYR A 167 -3.76 26.79 -8.42
CA TYR A 167 -3.97 27.14 -9.82
C TYR A 167 -5.37 26.77 -10.30
N LEU A 168 -6.08 25.96 -9.51
CA LEU A 168 -7.47 25.61 -9.77
C LEU A 168 -8.44 26.56 -9.05
N MET A 169 -7.96 27.21 -7.99
CA MET A 169 -8.74 28.23 -7.28
C MET A 169 -8.86 29.51 -8.13
N ASN A 170 -8.21 29.52 -9.28
CA ASN A 170 -8.16 30.68 -10.18
C ASN A 170 -8.93 30.50 -11.49
N SER A 171 -9.29 29.27 -11.82
CA SER A 171 -9.87 28.94 -13.13
C SER A 171 -11.10 29.76 -13.44
N GLU A 172 -11.23 30.12 -14.72
CA GLU A 172 -12.36 30.90 -15.24
C GLU A 172 -13.71 30.22 -14.99
N ASN A 173 -13.64 28.96 -14.58
CA ASN A 173 -14.81 28.15 -14.34
C ASN A 173 -15.25 28.23 -12.88
N GLU A 174 -16.54 28.00 -12.65
CA GLU A 174 -17.12 27.94 -11.30
C GLU A 174 -17.04 26.54 -10.67
N LYS A 175 -17.42 25.52 -11.43
CA LYS A 175 -17.49 24.14 -10.93
C LYS A 175 -16.10 23.55 -10.67
N VAL A 176 -15.12 24.02 -11.45
CA VAL A 176 -13.72 23.66 -11.26
C VAL A 176 -13.23 24.22 -9.92
N ARG A 177 -13.42 25.52 -9.75
CA ARG A 177 -13.02 26.24 -8.53
C ARG A 177 -13.75 25.71 -7.29
N LYS A 178 -14.94 25.15 -7.48
CA LYS A 178 -15.77 24.65 -6.38
C LYS A 178 -15.32 23.28 -5.92
N SER A 179 -14.67 22.51 -6.80
CA SER A 179 -14.17 21.18 -6.45
C SER A 179 -12.82 21.26 -5.74
N ALA A 180 -11.90 22.04 -6.31
CA ALA A 180 -10.63 22.31 -5.67
C ALA A 180 -10.83 22.95 -4.31
N GLU A 181 -11.97 23.63 -4.15
CA GLU A 181 -12.37 24.18 -2.86
C GLU A 181 -12.58 23.07 -1.84
N THR A 182 -13.46 22.12 -2.19
CA THR A 182 -13.84 21.05 -1.27
C THR A 182 -12.69 20.09 -0.96
N LEU A 183 -11.90 19.77 -1.98
CA LEU A 183 -10.73 18.91 -1.82
C LEU A 183 -9.74 19.52 -0.82
N LEU A 184 -9.33 20.77 -1.06
CA LEU A 184 -8.40 21.47 -0.17
C LEU A 184 -8.98 21.65 1.23
N ASP A 185 -10.30 21.72 1.31
CA ASP A 185 -10.98 21.78 2.60
C ASP A 185 -10.94 20.44 3.33
N ALA A 186 -11.29 19.36 2.62
CA ALA A 186 -11.30 18.03 3.20
C ALA A 186 -9.92 17.65 3.74
N ILE A 187 -8.89 17.90 2.93
CA ILE A 187 -7.51 17.64 3.32
C ILE A 187 -7.16 18.42 4.58
N ASN A 188 -7.60 19.68 4.65
CA ASN A 188 -7.44 20.49 5.85
C ASN A 188 -8.16 19.88 7.04
N GLY A 189 -9.36 19.36 6.79
CA GLY A 189 -10.12 18.64 7.82
C GLY A 189 -9.22 17.65 8.53
N LEU A 190 -8.57 16.80 7.74
CA LEU A 190 -7.65 15.80 8.26
C LEU A 190 -6.54 16.45 9.05
N ALA A 191 -5.88 17.44 8.43
CA ALA A 191 -4.79 18.18 9.06
C ALA A 191 -5.20 18.77 10.41
N GLU A 192 -6.40 19.33 10.47
CA GLU A 192 -6.95 19.88 11.72
C GLU A 192 -7.16 18.77 12.72
N ALA A 193 -7.77 17.68 12.25
CA ALA A 193 -8.13 16.54 13.10
C ALA A 193 -6.91 15.86 13.68
N MET A 194 -5.86 15.74 12.87
CA MET A 194 -4.64 15.09 13.28
C MET A 194 -3.91 15.84 14.39
N TYR A 195 -3.82 17.17 14.27
CA TYR A 195 -3.23 18.00 15.32
C TYR A 195 -3.98 17.85 16.62
N LYS A 196 -5.31 17.74 16.53
CA LYS A 196 -6.18 17.57 17.68
C LYS A 196 -5.86 16.26 18.41
N ILE A 197 -5.52 15.24 17.64
CA ILE A 197 -5.18 13.94 18.20
C ILE A 197 -3.93 14.03 19.07
N VAL A 198 -2.91 14.73 18.58
CA VAL A 198 -1.64 14.79 19.32
C VAL A 198 -1.84 15.38 20.72
N ASN A 199 -2.83 16.27 20.84
CA ASN A 199 -3.17 16.91 22.12
C ASN A 199 -3.64 15.89 23.16
N GLY A 200 -4.28 14.84 22.68
CA GLY A 200 -4.71 13.73 23.52
C GLY A 200 -3.61 12.71 23.74
N VAL A 201 -2.79 12.47 22.72
CA VAL A 201 -1.70 11.53 22.83
C VAL A 201 -0.67 12.07 23.82
N MET A 202 -0.48 13.39 23.80
CA MET A 202 0.41 14.03 24.76
C MET A 202 -0.10 13.90 26.19
N GLN A 203 -1.34 13.46 26.32
CA GLN A 203 -1.94 13.22 27.63
C GLN A 203 -1.39 11.92 28.23
N TYR A 204 -1.08 10.97 27.36
CA TYR A 204 -0.52 9.68 27.78
C TYR A 204 1.00 9.76 27.89
N ALA A 205 1.58 10.86 27.37
CA ALA A 205 3.03 11.10 27.37
C ALA A 205 3.76 10.86 28.71
N PRO A 206 3.20 11.37 29.83
CA PRO A 206 3.80 11.08 31.14
C PRO A 206 4.10 9.60 31.36
N ILE A 207 3.08 8.75 31.22
CA ILE A 207 3.24 7.30 31.40
C ILE A 207 4.30 6.77 30.44
N GLY A 208 4.20 7.17 29.17
CA GLY A 208 5.17 6.78 28.13
C GLY A 208 6.59 7.23 28.43
N VAL A 209 6.75 8.53 28.69
CA VAL A 209 8.06 9.09 29.02
C VAL A 209 8.70 8.36 30.18
N PHE A 210 7.94 8.15 31.25
CA PHE A 210 8.43 7.40 32.41
C PHE A 210 8.95 6.03 32.00
N ALA A 211 8.07 5.26 31.35
CA ALA A 211 8.36 3.90 30.92
C ALA A 211 9.53 3.82 29.97
N LEU A 212 9.62 4.78 29.06
CA LEU A 212 10.63 4.78 28.02
C LEU A 212 12.07 4.96 28.50
N ILE A 213 12.31 5.90 29.43
CA ILE A 213 13.68 6.07 29.94
C ILE A 213 13.97 5.12 31.09
N ALA A 214 12.91 4.62 31.73
CA ALA A 214 13.05 3.55 32.70
C ALA A 214 13.79 2.39 32.04
N TYR A 215 13.51 2.17 30.75
CA TYR A 215 14.14 1.11 30.00
C TYR A 215 15.57 1.45 29.56
N VAL A 216 15.76 2.66 29.04
CA VAL A 216 17.08 3.07 28.55
C VAL A 216 18.10 3.03 29.67
N MET A 217 17.71 3.52 30.85
CA MET A 217 18.59 3.57 32.00
C MET A 217 18.90 2.19 32.60
N ALA A 218 17.90 1.31 32.64
CA ALA A 218 18.09 -0.04 33.18
C ALA A 218 18.99 -0.91 32.29
N GLU A 219 18.88 -0.70 30.98
CA GLU A 219 19.58 -1.52 29.98
C GLU A 219 21.00 -1.03 29.72
N GLN A 220 21.20 0.28 29.71
CA GLN A 220 22.48 0.85 29.34
C GLN A 220 23.06 1.85 30.35
N GLY A 221 22.29 2.19 31.38
CA GLY A 221 22.76 3.12 32.42
C GLY A 221 24.01 2.63 33.11
N VAL A 222 24.02 1.35 33.47
CA VAL A 222 25.13 0.73 34.22
C VAL A 222 26.45 0.74 33.44
N LYS A 223 26.35 0.76 32.11
CA LYS A 223 27.52 0.71 31.24
C LYS A 223 28.22 2.06 31.08
N VAL A 224 27.64 3.11 31.66
CA VAL A 224 28.19 4.47 31.56
C VAL A 224 29.25 4.74 32.65
N VAL A 225 30.32 3.96 32.64
CA VAL A 225 31.46 4.20 33.52
C VAL A 225 32.77 4.05 32.74
N GLY A 226 33.84 4.64 33.26
CA GLY A 226 35.16 4.59 32.63
C GLY A 226 35.25 5.47 31.42
N GLU A 227 35.96 5.00 30.39
CA GLU A 227 36.11 5.77 29.15
C GLU A 227 34.77 5.95 28.45
N LEU A 228 33.88 4.98 28.65
CA LEU A 228 32.52 5.05 28.13
C LEU A 228 31.68 6.08 28.86
N ALA A 229 32.23 6.69 29.90
CA ALA A 229 31.57 7.80 30.57
C ALA A 229 32.12 9.12 30.06
N LYS A 230 33.43 9.17 29.84
CA LYS A 230 34.09 10.38 29.34
C LYS A 230 33.58 10.76 27.97
N VAL A 231 33.22 9.76 27.17
CA VAL A 231 32.61 10.03 25.87
C VAL A 231 31.20 10.62 26.04
N THR A 232 30.47 10.15 27.05
CA THR A 232 29.11 10.62 27.32
C THR A 232 29.10 12.09 27.76
N ALA A 233 30.07 12.46 28.59
CA ALA A 233 30.26 13.85 28.98
C ALA A 233 30.62 14.67 27.76
N ALA A 234 31.53 14.14 26.95
CA ALA A 234 31.97 14.81 25.75
C ALA A 234 30.81 15.12 24.82
N VAL A 235 29.91 14.15 24.64
CA VAL A 235 28.72 14.33 23.80
C VAL A 235 27.73 15.32 24.41
N TYR A 236 27.37 15.12 25.66
CA TYR A 236 26.37 15.97 26.29
C TYR A 236 26.81 17.43 26.50
N VAL A 237 28.05 17.64 26.95
CA VAL A 237 28.58 18.99 27.12
C VAL A 237 28.71 19.67 25.75
N GLY A 238 29.03 18.88 24.73
CA GLY A 238 29.02 19.35 23.36
C GLY A 238 27.64 19.73 22.87
N LEU A 239 26.66 18.86 23.12
CA LEU A 239 25.27 19.11 22.73
C LEU A 239 24.70 20.34 23.41
N THR A 240 25.06 20.54 24.69
CA THR A 240 24.66 21.73 25.46
C THR A 240 25.13 23.02 24.77
N LEU A 241 26.37 23.01 24.28
CA LEU A 241 26.91 24.15 23.55
C LEU A 241 26.25 24.38 22.20
N GLN A 242 25.79 23.32 21.55
CA GLN A 242 25.06 23.50 20.30
C GLN A 242 23.78 24.29 20.56
N ILE A 243 23.20 24.09 21.74
CA ILE A 243 21.99 24.81 22.11
C ILE A 243 22.30 26.25 22.53
N LEU A 244 23.11 26.43 23.58
CA LEU A 244 23.43 27.76 24.08
C LEU A 244 24.28 28.55 23.10
N LEU A 245 25.37 27.97 22.63
CA LEU A 245 26.33 28.68 21.81
C LEU A 245 25.91 28.84 20.32
N VAL A 246 24.94 28.04 19.85
CA VAL A 246 24.55 28.08 18.42
C VAL A 246 23.10 28.45 18.15
N TYR A 247 22.16 27.88 18.90
CA TYR A 247 20.73 28.19 18.72
C TYR A 247 20.34 29.48 19.42
N PHE A 248 20.62 29.58 20.73
CA PHE A 248 20.42 30.80 21.51
C PHE A 248 21.09 32.01 20.89
N VAL A 249 22.24 31.78 20.25
CA VAL A 249 22.98 32.82 19.57
C VAL A 249 22.25 33.26 18.30
N LEU A 250 21.88 32.31 17.45
CA LEU A 250 21.15 32.62 16.21
C LEU A 250 19.71 33.10 16.40
N LEU A 251 19.10 32.75 17.53
CA LEU A 251 17.75 33.22 17.86
C LEU A 251 17.78 34.69 18.26
N LYS A 252 18.72 35.06 19.13
CA LYS A 252 18.90 36.45 19.51
C LYS A 252 19.20 37.27 18.27
N ILE A 253 20.14 36.79 17.45
CA ILE A 253 20.53 37.47 16.21
C ILE A 253 19.34 37.79 15.33
N TYR A 254 18.37 36.88 15.27
CA TYR A 254 17.24 37.06 14.38
C TYR A 254 15.98 37.64 15.02
N GLY A 255 16.14 38.23 16.20
CA GLY A 255 15.06 38.98 16.83
C GLY A 255 13.97 38.09 17.41
N ILE A 256 14.37 36.91 17.86
CA ILE A 256 13.47 36.00 18.57
C ILE A 256 13.97 35.91 20.01
N ASP A 257 13.07 35.58 20.94
CA ASP A 257 13.45 35.40 22.33
C ASP A 257 13.78 33.95 22.61
N PRO A 258 15.04 33.67 22.95
CA PRO A 258 15.50 32.31 23.21
C PRO A 258 14.71 31.60 24.31
N ILE A 259 14.51 32.27 25.44
CA ILE A 259 13.87 31.64 26.59
C ILE A 259 12.42 31.25 26.35
N SER A 260 11.66 32.09 25.67
CA SER A 260 10.24 31.79 25.41
C SER A 260 10.06 30.89 24.17
N PHE A 261 11.16 30.66 23.45
CA PHE A 261 11.17 29.69 22.37
C PHE A 261 11.35 28.31 22.97
N ILE A 262 12.29 28.19 23.91
CA ILE A 262 12.50 26.94 24.65
C ILE A 262 11.24 26.59 25.42
N LYS A 263 10.54 27.60 25.93
CA LYS A 263 9.26 27.38 26.62
C LYS A 263 8.24 26.71 25.69
N LYS A 264 8.14 27.21 24.46
CA LYS A 264 7.14 26.74 23.51
C LYS A 264 7.53 25.40 22.88
N ALA A 265 8.82 25.16 22.73
CA ALA A 265 9.34 23.94 22.11
C ALA A 265 9.52 22.77 23.09
N LYS A 266 9.21 23.02 24.37
CA LYS A 266 9.43 22.07 25.45
C LYS A 266 8.94 20.65 25.14
N ASP A 267 7.74 20.54 24.58
CA ASP A 267 7.14 19.24 24.33
C ASP A 267 7.86 18.45 23.24
N ALA A 268 8.14 19.10 22.11
CA ALA A 268 8.86 18.48 21.00
C ALA A 268 10.25 18.04 21.44
N MET A 269 10.85 18.79 22.37
CA MET A 269 12.19 18.50 22.86
C MET A 269 12.22 17.28 23.74
N LEU A 270 11.24 17.14 24.62
CA LEU A 270 11.23 16.00 25.52
C LEU A 270 10.73 14.74 24.84
N THR A 271 9.78 14.86 23.91
CA THR A 271 9.38 13.71 23.11
C THR A 271 10.61 13.18 22.36
N ALA A 272 11.30 14.07 21.65
CA ALA A 272 12.49 13.73 20.86
C ALA A 272 13.58 13.09 21.70
N PHE A 273 13.72 13.54 22.94
CA PHE A 273 14.73 13.02 23.85
C PHE A 273 14.36 11.63 24.33
N VAL A 274 13.13 11.49 24.81
CA VAL A 274 12.65 10.21 25.33
C VAL A 274 12.46 9.18 24.22
N THR A 275 11.94 9.61 23.08
CA THR A 275 11.52 8.70 22.02
C THR A 275 12.65 8.26 21.09
N ARG A 276 13.70 9.08 21.02
CA ARG A 276 14.84 8.87 20.13
C ARG A 276 14.48 8.88 18.65
N SER A 277 13.21 9.09 18.32
CA SER A 277 12.77 9.09 16.94
C SER A 277 12.50 10.52 16.45
N SER A 278 13.43 11.09 15.69
CA SER A 278 13.23 12.44 15.13
C SER A 278 11.97 12.47 14.28
N SER A 279 11.73 11.35 13.60
CA SER A 279 10.56 11.18 12.74
C SER A 279 9.29 10.91 13.55
N GLY A 280 9.40 10.07 14.56
CA GLY A 280 8.28 9.74 15.42
C GLY A 280 7.80 10.91 16.24
N THR A 281 8.67 11.91 16.41
CA THR A 281 8.36 13.12 17.18
C THR A 281 7.57 14.15 16.33
N LEU A 282 7.66 14.02 15.01
CA LEU A 282 7.10 15.01 14.08
C LEU A 282 5.73 15.59 14.40
N PRO A 283 4.73 14.77 14.73
CA PRO A 283 3.46 15.39 15.09
C PRO A 283 3.59 16.39 16.22
N VAL A 284 4.41 16.09 17.23
CA VAL A 284 4.63 17.03 18.36
C VAL A 284 5.52 18.20 17.93
N THR A 285 6.59 17.91 17.18
CA THR A 285 7.46 18.96 16.65
C THR A 285 6.64 19.96 15.82
N MET A 286 5.69 19.43 15.06
CA MET A 286 4.82 20.23 14.22
C MET A 286 3.76 20.99 15.00
N ARG A 287 3.13 20.36 15.98
CA ARG A 287 2.15 21.07 16.80
C ARG A 287 2.79 22.25 17.50
N VAL A 288 3.97 22.04 18.07
CA VAL A 288 4.71 23.11 18.73
C VAL A 288 5.05 24.25 17.78
N ALA A 289 5.20 23.95 16.49
CA ALA A 289 5.38 24.99 15.49
C ALA A 289 4.14 25.86 15.34
N LYS A 290 2.99 25.21 15.28
CA LYS A 290 1.70 25.89 15.22
C LYS A 290 1.40 26.64 16.53
N GLU A 291 1.87 26.09 17.67
CA GLU A 291 1.71 26.69 19.01
C GLU A 291 2.36 28.07 19.11
N MET A 292 3.59 28.17 18.63
CA MET A 292 4.28 29.45 18.59
C MET A 292 3.85 30.28 17.38
N GLY A 293 2.90 29.74 16.62
CA GLY A 293 2.22 30.48 15.56
C GLY A 293 3.05 30.80 14.32
N ILE A 294 3.96 29.88 13.96
CA ILE A 294 4.70 29.98 12.69
C ILE A 294 3.74 29.61 11.55
N SER A 295 3.95 30.20 10.37
CA SER A 295 3.08 29.96 9.22
C SER A 295 3.05 28.49 8.81
N GLU A 296 1.85 27.96 8.60
CA GLU A 296 1.68 26.56 8.19
C GLU A 296 2.36 26.35 6.85
N GLY A 297 2.42 27.42 6.07
CA GLY A 297 3.18 27.47 4.82
C GLY A 297 4.63 27.05 5.03
N ILE A 298 5.28 27.68 6.00
CA ILE A 298 6.69 27.42 6.26
C ILE A 298 6.93 26.10 7.00
N TYR A 299 6.35 25.92 8.18
CA TYR A 299 6.72 24.77 9.03
C TYR A 299 6.33 23.41 8.48
N SER A 300 5.30 23.39 7.64
CA SER A 300 4.83 22.13 7.05
C SER A 300 5.78 21.59 5.98
N PHE A 301 6.73 22.41 5.57
CA PHE A 301 7.74 21.99 4.61
C PHE A 301 9.11 21.84 5.25
N THR A 302 9.46 22.79 6.11
CA THR A 302 10.79 22.81 6.74
C THR A 302 10.99 21.70 7.77
N LEU A 303 9.97 21.42 8.57
CA LEU A 303 10.09 20.43 9.64
C LEU A 303 10.17 18.96 9.18
N PRO A 304 9.35 18.54 8.19
CA PRO A 304 9.48 17.15 7.77
C PRO A 304 10.75 16.94 6.97
N LEU A 305 11.13 17.91 6.17
CA LEU A 305 12.39 17.83 5.44
C LEU A 305 13.54 17.83 6.44
N GLY A 306 13.44 18.66 7.47
CA GLY A 306 14.47 18.76 8.49
C GLY A 306 14.55 17.57 9.42
N ALA A 307 13.42 16.87 9.55
CA ALA A 307 13.34 15.65 10.36
C ALA A 307 14.27 14.59 9.80
N THR A 308 14.64 14.77 8.52
CA THR A 308 15.48 13.83 7.78
C THR A 308 16.83 14.43 7.45
N ILE A 309 16.84 15.67 6.98
CA ILE A 309 18.08 16.32 6.57
C ILE A 309 18.86 16.99 7.72
N ASN A 310 18.18 17.65 8.65
CA ASN A 310 18.91 18.39 9.70
C ASN A 310 19.11 17.66 11.01
N MET A 311 20.31 17.09 11.17
CA MET A 311 20.67 16.36 12.37
C MET A 311 21.96 16.89 12.98
N ASP A 312 21.85 18.06 13.61
CA ASP A 312 22.97 18.72 14.25
C ASP A 312 23.48 17.86 15.40
N GLY A 313 22.55 17.34 16.20
CA GLY A 313 22.88 16.51 17.36
C GLY A 313 23.67 15.27 16.96
N THR A 314 23.17 14.56 15.96
CA THR A 314 23.82 13.35 15.49
C THR A 314 25.17 13.68 14.85
N ALA A 315 25.21 14.77 14.09
CA ALA A 315 26.44 15.22 13.45
C ALA A 315 27.56 15.48 14.47
N LEU A 316 27.18 15.86 15.68
CA LEU A 316 28.11 16.04 16.79
C LEU A 316 28.56 14.67 17.33
N TYR A 317 27.62 13.75 17.49
CA TYR A 317 27.92 12.39 17.96
C TYR A 317 28.90 11.68 17.03
N GLN A 318 28.77 11.94 15.75
CA GLN A 318 29.64 11.38 14.74
C GLN A 318 31.04 11.97 14.83
N GLY A 319 31.13 13.22 15.28
CA GLY A 319 32.43 13.87 15.45
C GLY A 319 33.17 13.36 16.67
N VAL A 320 32.44 13.09 17.74
CA VAL A 320 33.06 12.71 19.00
C VAL A 320 33.28 11.19 19.09
N CYS A 321 32.67 10.44 18.19
CA CYS A 321 32.94 9.01 18.06
C CYS A 321 34.16 8.75 17.19
N THR A 322 34.26 9.49 16.10
CA THR A 322 35.40 9.42 15.20
C THR A 322 36.68 9.73 15.97
N PHE A 323 36.55 10.41 17.09
CA PHE A 323 37.71 10.62 17.95
C PHE A 323 37.88 9.59 19.04
N PHE A 324 36.79 8.92 19.43
CA PHE A 324 36.89 7.85 20.42
C PHE A 324 37.61 6.67 19.81
N ILE A 325 37.22 6.32 18.59
CA ILE A 325 37.78 5.19 17.87
C ILE A 325 39.24 5.46 17.53
N ALA A 326 39.54 6.68 17.07
CA ALA A 326 40.90 7.06 16.73
C ALA A 326 41.85 6.99 17.92
N ASN A 327 41.37 7.43 19.08
CA ASN A 327 42.17 7.38 20.30
C ASN A 327 42.38 5.97 20.81
N ALA A 328 41.37 5.12 20.67
CA ALA A 328 41.45 3.72 21.12
C ALA A 328 42.37 2.87 20.25
N LEU A 329 42.38 3.19 18.95
CA LEU A 329 43.29 2.56 18.01
C LEU A 329 44.70 3.06 18.21
N GLY A 330 44.82 4.29 18.70
CA GLY A 330 46.12 4.85 19.08
C GLY A 330 46.85 5.59 17.99
N SER A 331 46.12 6.41 17.23
CA SER A 331 46.72 7.29 16.23
C SER A 331 45.85 8.52 16.03
N HIS A 332 46.41 9.69 16.30
CA HIS A 332 45.66 10.95 16.21
C HIS A 332 45.46 11.41 14.76
N LEU A 333 44.59 12.40 14.59
CA LEU A 333 44.22 12.88 13.27
C LEU A 333 44.69 14.32 13.07
N THR A 334 45.09 14.67 11.85
CA THR A 334 45.58 16.02 11.53
C THR A 334 44.50 16.95 10.98
N VAL A 335 44.90 18.18 10.65
CA VAL A 335 44.01 19.19 10.06
C VAL A 335 43.31 18.66 8.80
N GLY A 336 44.07 17.96 7.93
CA GLY A 336 43.57 17.41 6.67
C GLY A 336 42.68 16.20 6.86
N GLN A 337 42.84 15.55 8.01
CA GLN A 337 42.00 14.42 8.41
C GLN A 337 40.76 14.89 9.16
N GLN A 338 40.93 15.88 10.04
CA GLN A 338 39.81 16.41 10.82
C GLN A 338 38.79 17.12 9.93
N LEU A 339 39.28 17.85 8.92
CA LEU A 339 38.40 18.50 7.96
C LEU A 339 37.76 17.50 7.02
N THR A 340 38.37 16.33 6.87
CA THR A 340 37.81 15.26 6.07
C THR A 340 36.63 14.60 6.80
N ILE A 341 36.63 14.72 8.13
CA ILE A 341 35.50 14.29 8.94
C ILE A 341 34.32 15.26 8.73
N VAL A 342 34.55 16.54 9.00
CA VAL A 342 33.50 17.56 8.94
C VAL A 342 32.69 17.48 7.64
N LEU A 343 33.38 17.30 6.52
CA LEU A 343 32.73 17.22 5.22
C LEU A 343 31.93 15.93 5.01
N THR A 344 32.51 14.80 5.40
CA THR A 344 31.84 13.51 5.25
C THR A 344 30.67 13.39 6.22
N ALA A 345 30.84 13.92 7.42
CA ALA A 345 29.83 13.84 8.48
C ALA A 345 28.60 14.69 8.14
N VAL A 346 28.83 15.82 7.46
CA VAL A 346 27.73 16.61 6.89
C VAL A 346 27.08 15.77 5.78
N LEU A 347 27.92 15.27 4.86
CA LEU A 347 27.46 14.46 3.73
C LEU A 347 26.84 13.11 4.14
N ALA A 348 26.95 12.76 5.42
CA ALA A 348 26.32 11.55 5.98
C ALA A 348 25.27 11.84 7.05
N ILE A 361 24.75 4.33 12.81
CA ILE A 361 25.14 3.21 11.93
C ILE A 361 25.68 3.70 10.58
N MET A 362 25.44 4.98 10.31
CA MET A 362 26.05 5.63 9.15
C MET A 362 27.34 6.34 9.53
N LEU A 363 27.69 6.24 10.81
CA LEU A 363 29.00 6.60 11.33
C LEU A 363 30.06 5.72 10.67
N ALA A 364 29.62 4.57 10.14
CA ALA A 364 30.49 3.62 9.47
C ALA A 364 31.06 4.18 8.18
N MET A 365 30.47 5.27 7.72
CA MET A 365 30.82 5.89 6.46
C MET A 365 31.79 7.05 6.65
N VAL A 366 31.72 7.66 7.83
CA VAL A 366 32.64 8.75 8.19
C VAL A 366 33.86 8.19 8.91
N LEU A 367 33.90 6.87 9.08
CA LEU A 367 35.05 6.19 9.68
C LEU A 367 36.00 5.67 8.62
N GLU A 368 35.47 5.35 7.45
CA GLU A 368 36.28 4.94 6.31
C GLU A 368 36.93 6.14 5.66
N SER A 369 36.32 7.31 5.83
CA SER A 369 36.81 8.54 5.20
C SER A 369 38.09 9.04 5.83
N VAL A 370 38.31 8.73 7.11
CA VAL A 370 39.56 9.07 7.77
C VAL A 370 40.65 8.05 7.52
N GLY A 371 40.26 6.78 7.40
CA GLY A 371 41.19 5.72 7.05
C GLY A 371 41.20 4.53 8.00
N LEU A 372 40.19 4.47 8.88
CA LEU A 372 40.04 3.34 9.80
C LEU A 372 38.68 2.64 9.64
N PRO A 373 38.57 1.75 8.63
CA PRO A 373 37.30 1.06 8.30
C PRO A 373 36.73 0.24 9.45
N LEU A 374 35.43 -0.04 9.36
CA LEU A 374 34.71 -0.70 10.43
C LEU A 374 34.91 -2.23 10.45
N THR A 375 35.39 -2.79 9.33
CA THR A 375 35.62 -4.24 9.21
C THR A 375 36.83 -4.70 10.00
N ASP A 376 37.76 -3.76 10.21
CA ASP A 376 38.99 -3.95 10.97
C ASP A 376 38.75 -4.45 12.40
N PRO A 377 39.13 -5.71 12.68
CA PRO A 377 38.87 -6.41 13.95
C PRO A 377 38.98 -5.59 15.22
N ASN A 378 40.00 -4.73 15.33
CA ASN A 378 40.17 -3.89 16.54
C ASN A 378 39.38 -2.57 16.55
N VAL A 379 39.14 -2.02 15.37
CA VAL A 379 38.23 -0.92 15.20
C VAL A 379 36.85 -1.41 15.61
N ALA A 380 36.49 -2.59 15.11
CA ALA A 380 35.15 -3.14 15.32
C ALA A 380 34.87 -3.47 16.78
N ALA A 381 35.89 -3.87 17.52
CA ALA A 381 35.71 -4.19 18.94
C ALA A 381 35.66 -2.93 19.80
N ALA A 382 36.15 -1.81 19.25
CA ALA A 382 36.05 -0.50 19.92
C ALA A 382 34.68 0.14 19.72
N TYR A 383 34.18 0.07 18.48
CA TYR A 383 32.84 0.52 18.11
C TYR A 383 31.76 -0.27 18.85
N ALA A 384 32.09 -1.49 19.27
CA ALA A 384 31.19 -2.36 20.01
C ALA A 384 30.87 -1.81 21.39
N MET A 385 31.85 -1.15 22.01
CA MET A 385 31.64 -0.45 23.29
C MET A 385 30.74 0.79 23.15
N ILE A 386 31.03 1.60 22.13
CA ILE A 386 30.24 2.78 21.79
C ILE A 386 28.77 2.44 21.52
N LEU A 387 28.54 1.39 20.74
CA LEU A 387 27.19 0.93 20.45
C LEU A 387 26.54 0.38 21.71
N GLY A 388 27.36 0.12 22.73
CA GLY A 388 26.90 -0.41 24.03
C GLY A 388 26.19 0.62 24.90
N ILE A 389 26.47 1.90 24.67
CA ILE A 389 25.79 2.98 25.38
C ILE A 389 25.10 3.90 24.38
N ASP A 390 24.67 3.33 23.26
CA ASP A 390 24.11 4.12 22.17
C ASP A 390 22.78 4.78 22.53
N ALA A 391 21.86 4.03 23.12
CA ALA A 391 20.56 4.57 23.51
C ALA A 391 20.64 5.75 24.51
N ILE A 392 21.71 5.78 25.32
CA ILE A 392 21.98 6.93 26.20
C ILE A 392 22.40 8.14 25.39
N LEU A 393 23.40 7.96 24.53
CA LEU A 393 23.93 9.04 23.70
C LEU A 393 22.89 9.50 22.70
N ASP A 394 21.98 8.61 22.33
CA ASP A 394 21.04 8.89 21.26
C ASP A 394 19.81 9.68 21.71
N MET A 395 19.54 9.68 23.00
CA MET A 395 18.49 10.51 23.56
C MET A 395 18.84 11.99 23.37
N GLY A 396 20.00 12.39 23.89
CA GLY A 396 20.48 13.75 23.76
C GLY A 396 20.59 14.20 22.32
N CYS A 397 21.16 13.34 21.48
CA CYS A 397 21.32 13.64 20.06
C CYS A 397 20.01 13.94 19.34
N THR A 398 19.00 13.08 19.54
CA THR A 398 17.72 13.23 18.85
C THR A 398 16.98 14.51 19.28
N MET A 399 17.18 14.91 20.55
CA MET A 399 16.61 16.14 21.04
C MET A 399 17.19 17.34 20.32
N VAL A 400 18.52 17.42 20.26
CA VAL A 400 19.22 18.50 19.57
C VAL A 400 18.96 18.45 18.05
N ASN A 401 18.80 17.24 17.53
CA ASN A 401 18.38 17.00 16.15
C ASN A 401 17.09 17.75 15.83
N VAL A 402 16.06 17.47 16.64
CA VAL A 402 14.73 18.06 16.50
C VAL A 402 14.71 19.57 16.83
N THR A 403 15.39 19.96 17.91
CA THR A 403 15.44 21.36 18.33
C THR A 403 15.99 22.19 17.17
N GLY A 404 17.10 21.72 16.58
CA GLY A 404 17.71 22.37 15.43
C GLY A 404 16.77 22.68 14.29
N ASP A 405 15.72 21.87 14.14
CA ASP A 405 14.71 22.05 13.09
C ASP A 405 13.78 23.21 13.43
N LEU A 406 13.30 23.25 14.68
CA LEU A 406 12.42 24.32 15.12
C LEU A 406 13.11 25.68 15.05
N THR A 407 14.38 25.70 15.44
CA THR A 407 15.22 26.89 15.39
C THR A 407 15.31 27.42 13.97
N GLY A 408 15.49 26.51 13.00
CA GLY A 408 15.61 26.89 11.60
C GLY A 408 14.32 27.45 11.05
N THR A 409 13.21 26.77 11.36
CA THR A 409 11.90 27.22 10.95
C THR A 409 11.61 28.62 11.50
N ALA A 410 11.85 28.80 12.80
CA ALA A 410 11.66 30.11 13.46
C ALA A 410 12.46 31.25 12.80
N ILE A 411 13.68 30.94 12.36
CA ILE A 411 14.52 31.92 11.70
C ILE A 411 14.00 32.25 10.31
N VAL A 412 13.70 31.22 9.52
CA VAL A 412 13.14 31.41 8.18
C VAL A 412 11.75 32.08 8.22
N ALA A 413 10.97 31.78 9.25
CA ALA A 413 9.65 32.38 9.46
C ALA A 413 9.72 33.86 9.78
N LYS A 414 10.77 34.27 10.51
CA LYS A 414 11.01 35.67 10.85
C LYS A 414 11.29 36.47 9.59
N THR A 415 12.04 35.87 8.67
CA THR A 415 12.33 36.48 7.37
C THR A 415 11.37 36.04 6.25
N GLU A 416 10.27 35.39 6.66
CA GLU A 416 9.14 35.01 5.78
C GLU A 416 9.56 34.19 4.55
N GLU B 9 -34.11 -9.18 -11.89
CA GLU B 9 -35.50 -9.24 -11.34
C GLU B 9 -35.64 -10.35 -10.28
N TYR B 10 -36.88 -10.59 -9.83
CA TYR B 10 -37.23 -11.73 -8.95
C TYR B 10 -36.83 -11.52 -7.47
N PRO B 11 -37.72 -11.88 -6.51
CA PRO B 11 -37.39 -11.83 -5.08
C PRO B 11 -36.12 -12.63 -4.72
N VAL B 12 -35.07 -11.93 -4.29
CA VAL B 12 -33.71 -12.48 -4.20
C VAL B 12 -33.36 -13.34 -2.97
N LEU B 13 -34.17 -13.26 -1.93
CA LEU B 13 -33.99 -14.12 -0.74
C LEU B 13 -34.47 -15.55 -1.03
N GLN B 14 -35.13 -15.72 -2.18
CA GLN B 14 -35.53 -17.03 -2.69
C GLN B 14 -34.50 -17.60 -3.68
N LYS B 15 -34.09 -16.77 -4.64
CA LYS B 15 -33.06 -17.13 -5.62
C LYS B 15 -31.80 -17.70 -4.96
N ILE B 16 -31.47 -17.17 -3.79
CA ILE B 16 -30.35 -17.67 -2.98
C ILE B 16 -30.67 -19.07 -2.42
N LEU B 17 -31.85 -19.23 -1.83
CA LEU B 17 -32.31 -20.53 -1.32
C LEU B 17 -32.42 -21.59 -2.42
N ILE B 18 -32.93 -21.19 -3.59
CA ILE B 18 -33.00 -22.06 -4.76
C ILE B 18 -31.59 -22.49 -5.15
N GLY B 19 -30.69 -21.51 -5.29
CA GLY B 19 -29.29 -21.75 -5.63
C GLY B 19 -28.59 -22.64 -4.62
N LEU B 20 -28.90 -22.45 -3.34
CA LEU B 20 -28.32 -23.24 -2.25
C LEU B 20 -28.80 -24.70 -2.25
N ILE B 21 -30.11 -24.92 -2.42
CA ILE B 21 -30.66 -26.28 -2.45
C ILE B 21 -30.25 -26.99 -3.75
N LEU B 22 -30.41 -26.30 -4.88
CA LEU B 22 -30.03 -26.82 -6.19
C LEU B 22 -28.52 -27.03 -6.32
N GLY B 23 -27.75 -26.20 -5.59
CA GLY B 23 -26.30 -26.32 -5.58
C GLY B 23 -25.80 -27.58 -4.88
N ALA B 24 -26.44 -27.91 -3.76
CA ALA B 24 -26.08 -29.08 -2.96
C ALA B 24 -26.34 -30.38 -3.71
N ILE B 25 -27.44 -30.39 -4.47
CA ILE B 25 -27.84 -31.55 -5.28
C ILE B 25 -26.90 -31.73 -6.48
N VAL B 26 -26.71 -30.66 -7.26
CA VAL B 26 -25.77 -30.66 -8.40
C VAL B 26 -24.34 -30.90 -7.91
N GLY B 27 -24.07 -30.51 -6.67
CA GLY B 27 -22.77 -30.74 -6.05
C GLY B 27 -22.54 -32.20 -5.72
N LEU B 28 -23.22 -32.67 -4.68
CA LEU B 28 -23.06 -34.05 -4.18
C LEU B 28 -23.06 -35.09 -5.30
N ILE B 29 -23.89 -34.88 -6.31
CA ILE B 29 -24.03 -35.82 -7.43
C ILE B 29 -22.84 -35.79 -8.40
N LEU B 30 -22.45 -34.60 -8.86
CA LEU B 30 -21.33 -34.46 -9.79
C LEU B 30 -20.02 -35.04 -9.21
N GLY B 31 -19.78 -34.76 -7.93
CA GLY B 31 -18.55 -35.20 -7.25
C GLY B 31 -18.47 -36.70 -6.99
N HIS B 32 -19.62 -37.31 -6.74
CA HIS B 32 -19.73 -38.76 -6.50
C HIS B 32 -19.46 -39.56 -7.78
N TYR B 33 -19.59 -38.90 -8.92
CA TYR B 33 -19.31 -39.51 -10.23
C TYR B 33 -17.91 -39.21 -10.74
N GLY B 34 -17.12 -38.49 -9.94
CA GLY B 34 -15.72 -38.21 -10.25
C GLY B 34 -15.45 -36.83 -10.86
N TYR B 35 -16.50 -36.01 -10.95
CA TYR B 35 -16.37 -34.67 -11.54
C TYR B 35 -15.91 -33.62 -10.53
N ALA B 36 -15.21 -34.08 -9.49
CA ALA B 36 -14.61 -33.19 -8.50
C ALA B 36 -13.71 -32.17 -9.18
N ASP B 37 -12.99 -32.63 -10.21
CA ASP B 37 -12.17 -31.77 -11.06
C ASP B 37 -13.00 -30.80 -11.89
N ALA B 38 -14.01 -31.34 -12.59
CA ALA B 38 -14.85 -30.57 -13.51
C ALA B 38 -15.52 -29.37 -12.84
N VAL B 39 -16.05 -29.60 -11.64
CA VAL B 39 -16.67 -28.54 -10.87
C VAL B 39 -15.67 -27.44 -10.56
N LYS B 40 -14.47 -27.83 -10.12
CA LYS B 40 -13.42 -26.90 -9.72
C LYS B 40 -12.97 -25.95 -10.85
N THR B 41 -12.88 -26.47 -12.06
CA THR B 41 -12.38 -25.70 -13.19
C THR B 41 -13.47 -24.87 -13.90
N TYR B 42 -14.73 -25.32 -13.79
CA TYR B 42 -15.85 -24.71 -14.51
C TYR B 42 -16.82 -23.92 -13.64
N VAL B 43 -17.23 -24.52 -12.53
CA VAL B 43 -18.25 -23.93 -11.67
C VAL B 43 -17.65 -22.95 -10.68
N LYS B 44 -16.57 -23.36 -10.01
CA LYS B 44 -15.97 -22.60 -8.91
C LYS B 44 -15.66 -21.14 -9.23
N PRO B 45 -15.05 -20.86 -10.41
CA PRO B 45 -14.76 -19.47 -10.77
C PRO B 45 -15.94 -18.51 -10.57
N PHE B 46 -17.17 -18.97 -10.83
CA PHE B 46 -18.37 -18.14 -10.62
C PHE B 46 -18.61 -17.88 -9.14
N GLY B 47 -18.34 -18.89 -8.31
CA GLY B 47 -18.44 -18.76 -6.87
C GLY B 47 -17.36 -17.87 -6.30
N ASP B 48 -16.21 -17.83 -6.99
CA ASP B 48 -15.09 -16.99 -6.59
C ASP B 48 -15.38 -15.52 -6.85
N LEU B 49 -15.94 -15.22 -8.03
CA LEU B 49 -16.30 -13.86 -8.40
C LEU B 49 -17.18 -13.21 -7.33
N PHE B 50 -18.06 -14.00 -6.74
CA PHE B 50 -18.90 -13.54 -5.64
C PHE B 50 -18.05 -13.14 -4.42
N VAL B 51 -17.17 -14.04 -3.99
CA VAL B 51 -16.29 -13.80 -2.84
C VAL B 51 -15.42 -12.56 -3.06
N ARG B 52 -14.88 -12.43 -4.28
CA ARG B 52 -14.03 -11.31 -4.67
C ARG B 52 -14.80 -10.01 -4.54
N LEU B 53 -16.01 -9.99 -5.10
CA LEU B 53 -16.84 -8.79 -5.09
C LEU B 53 -17.21 -8.34 -3.68
N LEU B 54 -17.31 -9.28 -2.76
CA LEU B 54 -17.60 -8.93 -1.37
C LEU B 54 -16.36 -8.41 -0.64
N LYS B 55 -15.23 -9.10 -0.76
CA LYS B 55 -13.98 -8.64 -0.15
C LYS B 55 -13.63 -7.24 -0.62
N MET B 56 -13.96 -6.95 -1.87
CA MET B 56 -13.75 -5.66 -2.50
C MET B 56 -14.26 -4.51 -1.64
N LEU B 57 -15.39 -4.74 -0.98
CA LEU B 57 -16.11 -3.68 -0.27
C LEU B 57 -15.69 -3.52 1.19
N VAL B 58 -15.03 -4.55 1.73
CA VAL B 58 -14.73 -4.61 3.17
C VAL B 58 -13.96 -3.39 3.66
N MET B 59 -12.87 -3.05 2.99
CA MET B 59 -12.02 -1.98 3.49
C MET B 59 -12.65 -0.59 3.49
N PRO B 60 -13.24 -0.16 2.35
CA PRO B 60 -13.94 1.12 2.35
C PRO B 60 -15.06 1.16 3.39
N ILE B 61 -15.97 0.19 3.36
CA ILE B 61 -17.11 0.14 4.29
C ILE B 61 -16.70 0.22 5.77
N VAL B 62 -15.84 -0.68 6.21
CA VAL B 62 -15.47 -0.73 7.61
C VAL B 62 -14.92 0.62 8.08
N PHE B 63 -13.95 1.15 7.32
CA PHE B 63 -13.35 2.44 7.63
C PHE B 63 -14.35 3.58 7.56
N ALA B 64 -14.94 3.80 6.38
CA ALA B 64 -15.86 4.92 6.17
C ALA B 64 -17.05 4.91 7.13
N SER B 65 -17.70 3.76 7.27
CA SER B 65 -18.82 3.63 8.19
C SER B 65 -18.42 3.98 9.61
N LEU B 66 -17.25 3.52 10.06
CA LEU B 66 -16.82 3.72 11.43
C LEU B 66 -16.38 5.16 11.76
N VAL B 67 -15.85 5.88 10.79
CA VAL B 67 -15.52 7.28 11.05
C VAL B 67 -16.81 8.03 11.32
N VAL B 68 -17.81 7.81 10.46
CA VAL B 68 -19.15 8.41 10.63
C VAL B 68 -19.79 8.01 11.97
N GLY B 69 -19.85 6.71 12.23
CA GLY B 69 -20.46 6.15 13.43
C GLY B 69 -19.82 6.58 14.72
N ALA B 70 -18.48 6.65 14.75
CA ALA B 70 -17.76 7.08 15.93
C ALA B 70 -17.82 8.60 16.10
N ALA B 71 -18.03 9.31 14.99
CA ALA B 71 -18.23 10.75 15.03
C ALA B 71 -19.68 11.11 15.33
N SER B 72 -20.52 10.09 15.34
CA SER B 72 -21.95 10.24 15.59
C SER B 72 -22.30 10.08 17.07
N ILE B 73 -21.73 9.06 17.72
CA ILE B 73 -22.08 8.74 19.10
C ILE B 73 -21.07 9.31 20.11
N SER B 74 -21.45 9.32 21.38
CA SER B 74 -20.64 9.88 22.46
C SER B 74 -19.43 9.01 22.78
N PRO B 75 -18.25 9.62 23.02
CA PRO B 75 -17.04 8.88 23.37
C PRO B 75 -17.19 8.06 24.65
N ALA B 76 -18.18 8.40 25.45
CA ALA B 76 -18.54 7.63 26.64
C ALA B 76 -19.41 6.42 26.27
N ARG B 77 -20.45 6.69 25.47
CA ARG B 77 -21.38 5.67 25.00
C ARG B 77 -20.66 4.55 24.26
N LEU B 78 -19.63 4.93 23.49
CA LEU B 78 -18.86 3.98 22.67
C LEU B 78 -18.07 3.00 23.53
N GLY B 79 -17.42 3.51 24.57
CA GLY B 79 -16.67 2.68 25.51
C GLY B 79 -17.55 1.67 26.23
N ARG B 80 -18.74 2.14 26.63
CA ARG B 80 -19.73 1.29 27.27
C ARG B 80 -20.24 0.20 26.33
N VAL B 81 -20.35 0.54 25.05
CA VAL B 81 -20.67 -0.42 24.01
C VAL B 81 -19.52 -1.42 23.90
N GLY B 82 -18.30 -0.89 23.88
CA GLY B 82 -17.08 -1.70 23.80
C GLY B 82 -17.00 -2.76 24.87
N VAL B 83 -17.09 -2.32 26.13
CA VAL B 83 -17.00 -3.22 27.28
C VAL B 83 -18.13 -4.25 27.29
N LYS B 84 -19.31 -3.83 26.85
CA LYS B 84 -20.48 -4.71 26.79
C LYS B 84 -20.33 -5.82 25.75
N ILE B 85 -19.88 -5.46 24.55
CA ILE B 85 -19.78 -6.42 23.45
C ILE B 85 -18.65 -7.42 23.67
N VAL B 86 -17.58 -7.00 24.35
CA VAL B 86 -16.46 -7.89 24.65
C VAL B 86 -16.86 -8.93 25.71
N VAL B 87 -17.50 -8.45 26.78
CA VAL B 87 -18.06 -9.32 27.83
C VAL B 87 -19.03 -10.33 27.23
N TYR B 88 -19.86 -9.87 26.31
CA TYR B 88 -20.78 -10.74 25.58
C TYR B 88 -20.02 -11.78 24.74
N TYR B 89 -19.00 -11.33 23.99
CA TYR B 89 -18.28 -12.18 23.06
C TYR B 89 -17.56 -13.37 23.71
N LEU B 90 -16.90 -13.09 24.83
CA LEU B 90 -16.15 -14.10 25.58
C LEU B 90 -17.08 -15.13 26.18
N LEU B 91 -18.17 -14.66 26.79
CA LEU B 91 -19.15 -15.54 27.41
C LEU B 91 -19.90 -16.40 26.39
N THR B 92 -20.16 -15.86 25.21
CA THR B 92 -20.80 -16.65 24.13
C THR B 92 -19.83 -17.69 23.58
N SER B 93 -18.58 -17.27 23.42
CA SER B 93 -17.52 -18.15 22.93
C SER B 93 -17.21 -19.26 23.94
N ALA B 94 -17.23 -18.94 25.24
CA ALA B 94 -17.03 -19.94 26.29
C ALA B 94 -18.16 -20.94 26.31
N PHE B 95 -19.39 -20.42 26.22
CA PHE B 95 -20.58 -21.25 26.19
C PHE B 95 -20.54 -22.18 24.99
N ALA B 96 -19.99 -21.72 23.88
CA ALA B 96 -19.96 -22.51 22.64
C ALA B 96 -19.01 -23.71 22.71
N VAL B 97 -17.96 -23.60 23.51
CA VAL B 97 -17.02 -24.70 23.67
C VAL B 97 -17.63 -25.79 24.54
N THR B 98 -18.14 -25.40 25.71
CA THR B 98 -18.79 -26.33 26.64
C THR B 98 -20.03 -27.01 26.04
N LEU B 99 -20.60 -26.40 25.01
CA LEU B 99 -21.70 -26.99 24.24
C LEU B 99 -21.17 -27.95 23.17
N GLY B 100 -19.98 -27.68 22.67
CA GLY B 100 -19.30 -28.56 21.71
C GLY B 100 -18.74 -29.81 22.35
N ILE B 101 -18.27 -29.67 23.60
CA ILE B 101 -17.81 -30.80 24.42
C ILE B 101 -18.98 -31.73 24.78
N ILE B 102 -20.11 -31.12 25.14
CA ILE B 102 -21.34 -31.86 25.41
C ILE B 102 -21.79 -32.69 24.21
N MET B 103 -21.63 -32.14 23.01
CA MET B 103 -21.92 -32.86 21.77
C MET B 103 -20.88 -33.94 21.44
N ALA B 104 -19.64 -33.70 21.87
CA ALA B 104 -18.53 -34.61 21.61
C ALA B 104 -18.51 -35.78 22.61
N ARG B 105 -19.31 -35.66 23.66
CA ARG B 105 -19.51 -36.76 24.61
C ARG B 105 -20.87 -37.40 24.42
N LEU B 106 -21.84 -36.63 23.93
CA LEU B 106 -23.17 -37.13 23.57
C LEU B 106 -23.02 -38.08 22.39
N PHE B 107 -22.36 -37.61 21.32
CA PHE B 107 -21.89 -38.49 20.26
C PHE B 107 -20.54 -39.04 20.68
N ASN B 108 -20.09 -40.09 20.02
CA ASN B 108 -18.71 -40.55 20.20
C ASN B 108 -17.94 -40.56 18.88
N PRO B 109 -17.40 -39.39 18.50
CA PRO B 109 -16.71 -39.24 17.23
C PRO B 109 -15.32 -39.85 17.27
N GLY B 110 -15.11 -40.87 16.44
CA GLY B 110 -13.83 -41.56 16.34
C GLY B 110 -13.45 -42.35 17.58
N ALA B 111 -14.44 -42.93 18.26
CA ALA B 111 -14.21 -43.68 19.49
C ALA B 111 -13.50 -45.02 19.23
N GLY B 112 -14.09 -45.86 18.39
CA GLY B 112 -13.55 -47.19 18.12
C GLY B 112 -12.43 -47.24 17.09
N ILE B 113 -12.28 -46.16 16.33
CA ILE B 113 -11.35 -46.12 15.19
C ILE B 113 -9.86 -46.26 15.60
N HIS B 114 -9.12 -47.00 14.78
CA HIS B 114 -7.66 -47.07 14.86
C HIS B 114 -7.10 -46.85 13.46
N LEU B 115 -6.64 -45.62 13.21
CA LEU B 115 -6.34 -45.14 11.85
C LEU B 115 -4.89 -45.30 11.38
N ALA B 116 -4.71 -45.18 10.06
CA ALA B 116 -3.41 -45.36 9.41
C ALA B 116 -2.43 -44.24 9.74
N VAL B 117 -1.31 -44.62 10.33
CA VAL B 117 -0.31 -43.69 10.84
C VAL B 117 0.81 -43.46 9.83
N GLY B 118 1.49 -42.33 9.96
CA GLY B 118 2.67 -42.03 9.17
C GLY B 118 2.42 -41.53 7.77
N GLY B 119 1.14 -41.39 7.41
CA GLY B 119 0.76 -40.87 6.09
C GLY B 119 1.10 -39.41 5.92
N GLN B 120 0.52 -38.57 6.78
CA GLN B 120 0.72 -37.13 6.73
C GLN B 120 1.35 -36.60 8.02
N GLN B 121 2.17 -35.55 7.88
CA GLN B 121 2.83 -34.91 9.02
C GLN B 121 2.57 -33.39 9.04
N PHE B 122 2.57 -32.81 10.23
CA PHE B 122 2.34 -31.36 10.38
C PHE B 122 3.35 -30.69 11.32
N GLN B 123 3.52 -29.38 11.12
CA GLN B 123 4.29 -28.50 12.02
C GLN B 123 3.58 -27.15 12.11
N PRO B 124 2.90 -26.87 13.23
CA PRO B 124 2.13 -25.63 13.32
C PRO B 124 3.02 -24.41 13.52
N LYS B 125 2.64 -23.28 12.93
CA LYS B 125 3.32 -22.01 13.15
C LYS B 125 3.03 -21.53 14.56
N GLN B 126 4.09 -21.26 15.32
CA GLN B 126 3.97 -20.82 16.71
C GLN B 126 3.50 -19.34 16.78
N ALA B 127 2.39 -19.12 17.49
CA ALA B 127 1.71 -17.81 17.58
C ALA B 127 2.58 -16.68 18.17
N PRO B 128 2.42 -15.44 17.65
CA PRO B 128 3.22 -14.28 18.10
C PRO B 128 2.89 -13.83 19.53
N PRO B 129 3.90 -13.30 20.26
CA PRO B 129 3.72 -12.86 21.66
C PRO B 129 2.49 -11.96 21.86
N LEU B 130 1.82 -12.10 23.01
CA LEU B 130 0.61 -11.31 23.30
C LEU B 130 0.85 -9.80 23.29
N VAL B 131 1.92 -9.39 23.98
CA VAL B 131 2.32 -8.00 24.02
C VAL B 131 2.31 -7.41 22.60
N LYS B 132 3.05 -8.06 21.70
CA LYS B 132 3.19 -7.64 20.30
C LYS B 132 1.87 -7.65 19.55
N ILE B 133 0.93 -8.49 19.96
CA ILE B 133 -0.35 -8.57 19.27
C ILE B 133 -1.29 -7.45 19.68
N LEU B 134 -1.17 -7.01 20.92
CA LEU B 134 -1.97 -5.90 21.45
C LEU B 134 -1.46 -4.55 20.97
N LEU B 135 -0.14 -4.35 21.02
CA LEU B 135 0.48 -3.15 20.46
C LEU B 135 0.17 -2.98 18.98
N ASP B 136 0.04 -4.10 18.27
CA ASP B 136 -0.25 -4.08 16.84
C ASP B 136 -1.66 -3.64 16.50
N ILE B 137 -2.51 -3.42 17.51
CA ILE B 137 -3.83 -2.86 17.28
C ILE B 137 -3.70 -1.39 16.89
N VAL B 138 -2.70 -0.70 17.45
CA VAL B 138 -2.40 0.68 17.11
C VAL B 138 -1.51 0.75 15.86
N PRO B 139 -2.07 1.11 14.70
CA PRO B 139 -1.33 1.04 13.45
C PRO B 139 -0.29 2.15 13.36
N THR B 140 0.88 1.86 12.80
CA THR B 140 1.93 2.87 12.66
C THR B 140 1.77 3.73 11.41
N ASN B 141 0.91 3.29 10.49
CA ASN B 141 0.58 4.06 9.29
C ASN B 141 -0.81 3.70 8.82
N PRO B 142 -1.77 4.59 9.04
CA PRO B 142 -3.15 4.33 8.67
C PRO B 142 -3.28 3.93 7.19
N PHE B 143 -2.71 4.74 6.29
CA PHE B 143 -2.82 4.47 4.85
C PHE B 143 -2.24 3.10 4.53
N GLY B 144 -1.25 2.67 5.32
CA GLY B 144 -0.70 1.33 5.22
C GLY B 144 -1.72 0.29 5.64
N ALA B 145 -2.30 0.50 6.81
CA ALA B 145 -3.32 -0.40 7.36
C ALA B 145 -4.44 -0.60 6.37
N LEU B 146 -4.93 0.50 5.79
CA LEU B 146 -5.98 0.41 4.79
C LEU B 146 -5.53 -0.35 3.55
N ALA B 147 -4.32 -0.05 3.10
CA ALA B 147 -3.78 -0.62 1.87
C ALA B 147 -3.78 -2.14 1.89
N ASN B 148 -3.23 -2.74 2.94
CA ASN B 148 -3.22 -4.20 3.03
C ASN B 148 -4.10 -4.74 4.16
N GLY B 149 -5.21 -5.36 3.77
CA GLY B 149 -6.17 -5.97 4.71
C GLY B 149 -6.30 -5.21 6.02
N GLN B 150 -5.99 -5.88 7.12
CA GLN B 150 -5.90 -5.29 8.46
C GLN B 150 -7.15 -4.57 8.98
N VAL B 151 -8.14 -5.36 9.39
CA VAL B 151 -9.39 -4.84 9.92
C VAL B 151 -9.16 -4.12 11.25
N LEU B 152 -8.60 -4.81 12.24
CA LEU B 152 -8.43 -4.27 13.59
C LEU B 152 -7.68 -2.95 13.74
N PRO B 153 -6.51 -2.80 13.09
CA PRO B 153 -5.81 -1.52 13.21
C PRO B 153 -6.58 -0.37 12.59
N THR B 154 -7.27 -0.65 11.50
CA THR B 154 -8.13 0.31 10.83
C THR B 154 -9.24 0.76 11.80
N ILE B 155 -9.93 -0.21 12.42
CA ILE B 155 -10.96 0.06 13.44
C ILE B 155 -10.49 1.11 14.43
N PHE B 156 -9.29 0.92 14.95
CA PHE B 156 -8.71 1.81 15.94
C PHE B 156 -8.63 3.23 15.41
N PHE B 157 -7.93 3.41 14.27
CA PHE B 157 -7.73 4.73 13.65
C PHE B 157 -9.04 5.41 13.23
N ALA B 158 -9.99 4.63 12.75
CA ALA B 158 -11.30 5.14 12.35
C ALA B 158 -12.02 5.80 13.52
N ILE B 159 -11.89 5.21 14.71
CA ILE B 159 -12.51 5.76 15.92
C ILE B 159 -11.74 6.98 16.43
N ILE B 160 -10.42 6.89 16.39
CA ILE B 160 -9.59 8.01 16.79
C ILE B 160 -9.85 9.19 15.89
N LEU B 161 -10.17 8.92 14.62
CA LEU B 161 -10.53 10.00 13.70
C LEU B 161 -11.96 10.45 13.93
N GLY B 162 -12.85 9.49 14.15
CA GLY B 162 -14.25 9.77 14.44
C GLY B 162 -14.42 10.70 15.62
N ILE B 163 -13.70 10.44 16.70
CA ILE B 163 -13.73 11.29 17.87
C ILE B 163 -13.10 12.66 17.60
N ALA B 164 -12.07 12.69 16.75
CA ALA B 164 -11.40 13.94 16.39
C ALA B 164 -12.30 14.89 15.62
N ILE B 165 -13.05 14.36 14.67
CA ILE B 165 -13.99 15.16 13.88
C ILE B 165 -14.96 15.86 14.83
N THR B 166 -15.58 15.10 15.72
CA THR B 166 -16.57 15.61 16.66
C THR B 166 -16.06 16.79 17.49
N TYR B 167 -14.80 16.73 17.89
CA TYR B 167 -14.18 17.81 18.67
C TYR B 167 -13.86 19.03 17.82
N LEU B 168 -13.91 18.85 16.50
CA LEU B 168 -13.74 19.94 15.54
C LEU B 168 -15.07 20.57 15.16
N MET B 169 -16.16 19.82 15.29
CA MET B 169 -17.51 20.34 15.06
C MET B 169 -17.92 21.30 16.17
N ASN B 170 -17.03 21.49 17.16
CA ASN B 170 -17.30 22.32 18.33
C ASN B 170 -16.47 23.59 18.39
N SER B 171 -15.41 23.66 17.58
CA SER B 171 -14.43 24.74 17.66
C SER B 171 -15.05 26.12 17.53
N GLU B 172 -14.51 27.05 18.31
CA GLU B 172 -14.93 28.46 18.34
C GLU B 172 -14.83 29.11 16.96
N ASN B 173 -14.17 28.41 16.05
CA ASN B 173 -13.93 28.89 14.70
C ASN B 173 -15.02 28.42 13.74
N GLU B 174 -15.23 29.20 12.67
CA GLU B 174 -16.19 28.86 11.62
C GLU B 174 -15.55 27.98 10.51
N LYS B 175 -14.36 28.38 10.06
CA LYS B 175 -13.70 27.69 8.93
C LYS B 175 -13.17 26.32 9.34
N VAL B 176 -12.84 26.17 10.62
CA VAL B 176 -12.44 24.87 11.18
C VAL B 176 -13.65 23.93 11.17
N ARG B 177 -14.75 24.40 11.73
CA ARG B 177 -15.99 23.64 11.80
C ARG B 177 -16.53 23.30 10.41
N LYS B 178 -16.22 24.14 9.43
CA LYS B 178 -16.70 23.97 8.05
C LYS B 178 -15.92 22.92 7.27
N SER B 179 -14.66 22.68 7.67
CA SER B 179 -13.83 21.68 7.01
C SER B 179 -14.10 20.27 7.56
N ALA B 180 -14.18 20.16 8.89
CA ALA B 180 -14.54 18.92 9.55
C ALA B 180 -15.94 18.49 9.11
N GLU B 181 -16.75 19.47 8.75
CA GLU B 181 -18.08 19.23 8.17
C GLU B 181 -17.96 18.45 6.86
N THR B 182 -17.18 18.98 5.92
CA THR B 182 -17.06 18.42 4.57
C THR B 182 -16.35 17.07 4.58
N LEU B 183 -15.30 16.95 5.41
CA LEU B 183 -14.58 15.69 5.53
C LEU B 183 -15.48 14.57 6.02
N LEU B 184 -16.18 14.80 7.14
CA LEU B 184 -17.09 13.81 7.71
C LEU B 184 -18.22 13.49 6.75
N ASP B 185 -18.58 14.47 5.92
CA ASP B 185 -19.60 14.27 4.88
C ASP B 185 -19.07 13.40 3.74
N ALA B 186 -17.88 13.71 3.26
CA ALA B 186 -17.28 12.97 2.15
C ALA B 186 -17.10 11.50 2.52
N ILE B 187 -16.59 11.26 3.73
CA ILE B 187 -16.39 9.91 4.24
C ILE B 187 -17.73 9.18 4.30
N ASN B 188 -18.77 9.88 4.75
CA ASN B 188 -20.13 9.34 4.75
C ASN B 188 -20.59 9.02 3.34
N GLY B 189 -20.24 9.88 2.38
CA GLY B 189 -20.52 9.63 0.98
C GLY B 189 -20.09 8.24 0.59
N LEU B 190 -18.83 7.92 0.90
CA LEU B 190 -18.27 6.61 0.62
C LEU B 190 -19.06 5.52 1.32
N ALA B 191 -19.25 5.69 2.62
CA ALA B 191 -20.04 4.75 3.43
C ALA B 191 -21.43 4.49 2.86
N GLU B 192 -22.11 5.56 2.42
CA GLU B 192 -23.42 5.44 1.77
C GLU B 192 -23.31 4.67 0.46
N ALA B 193 -22.32 5.05 -0.34
CA ALA B 193 -22.08 4.46 -1.66
C ALA B 193 -21.76 2.98 -1.58
N MET B 194 -20.96 2.62 -0.58
CA MET B 194 -20.52 1.24 -0.39
C MET B 194 -21.67 0.31 -0.03
N TYR B 195 -22.55 0.75 0.87
CA TYR B 195 -23.75 -0.03 1.20
C TYR B 195 -24.61 -0.26 -0.02
N LYS B 196 -24.69 0.77 -0.88
CA LYS B 196 -25.47 0.71 -2.10
C LYS B 196 -24.94 -0.37 -3.06
N ILE B 197 -23.61 -0.52 -3.09
CA ILE B 197 -22.98 -1.53 -3.92
C ILE B 197 -23.36 -2.95 -3.49
N VAL B 198 -23.38 -3.22 -2.19
CA VAL B 198 -23.68 -4.58 -1.71
C VAL B 198 -25.07 -5.04 -2.16
N ASN B 199 -25.99 -4.08 -2.30
CA ASN B 199 -27.33 -4.33 -2.79
C ASN B 199 -27.34 -4.89 -4.21
N GLY B 200 -26.38 -4.46 -5.02
CA GLY B 200 -26.20 -4.98 -6.37
C GLY B 200 -25.41 -6.28 -6.40
N VAL B 201 -24.43 -6.40 -5.51
CA VAL B 201 -23.59 -7.60 -5.43
C VAL B 201 -24.42 -8.75 -4.94
N MET B 202 -25.34 -8.46 -4.02
CA MET B 202 -26.29 -9.47 -3.55
C MET B 202 -27.23 -9.95 -4.67
N GLN B 203 -27.21 -9.24 -5.81
CA GLN B 203 -28.01 -9.62 -6.97
C GLN B 203 -27.36 -10.79 -7.71
N TYR B 204 -26.02 -10.83 -7.66
CA TYR B 204 -25.25 -11.91 -8.27
C TYR B 204 -25.11 -13.10 -7.31
N ALA B 205 -25.47 -12.88 -6.04
CA ALA B 205 -25.37 -13.89 -4.98
C ALA B 205 -25.93 -15.27 -5.33
N PRO B 206 -27.14 -15.34 -5.95
CA PRO B 206 -27.68 -16.63 -6.38
C PRO B 206 -26.69 -17.47 -7.19
N ILE B 207 -26.15 -16.90 -8.26
CA ILE B 207 -25.17 -17.59 -9.11
C ILE B 207 -23.97 -18.03 -8.26
N GLY B 208 -23.48 -17.10 -7.45
CA GLY B 208 -22.33 -17.35 -6.57
C GLY B 208 -22.58 -18.43 -5.55
N VAL B 209 -23.68 -18.28 -4.81
CA VAL B 209 -24.09 -19.25 -3.80
C VAL B 209 -24.19 -20.66 -4.40
N PHE B 210 -24.86 -20.76 -5.55
CA PHE B 210 -24.98 -22.03 -6.27
C PHE B 210 -23.60 -22.60 -6.56
N ALA B 211 -22.78 -21.81 -7.25
CA ALA B 211 -21.45 -22.23 -7.66
C ALA B 211 -20.57 -22.61 -6.48
N LEU B 212 -20.68 -21.85 -5.40
CA LEU B 212 -19.81 -22.03 -4.23
C LEU B 212 -19.98 -23.33 -3.48
N ILE B 213 -21.23 -23.75 -3.21
CA ILE B 213 -21.44 -25.02 -2.51
C ILE B 213 -21.45 -26.22 -3.46
N ALA B 214 -21.69 -25.95 -4.75
CA ALA B 214 -21.50 -26.96 -5.78
C ALA B 214 -20.08 -27.52 -5.68
N TYR B 215 -19.13 -26.63 -5.38
CA TYR B 215 -17.72 -27.00 -5.21
C TYR B 215 -17.42 -27.71 -3.89
N VAL B 216 -17.91 -27.16 -2.78
CA VAL B 216 -17.69 -27.75 -1.45
C VAL B 216 -18.21 -29.18 -1.39
N MET B 217 -19.41 -29.40 -1.95
CA MET B 217 -20.05 -30.71 -1.94
C MET B 217 -19.38 -31.73 -2.86
N ALA B 218 -18.93 -31.27 -4.03
CA ALA B 218 -18.25 -32.15 -4.98
C ALA B 218 -16.87 -32.60 -4.49
N GLU B 219 -16.19 -31.70 -3.79
CA GLU B 219 -14.82 -31.92 -3.34
C GLU B 219 -14.73 -32.69 -2.03
N GLN B 220 -15.67 -32.43 -1.12
CA GLN B 220 -15.60 -33.00 0.23
C GLN B 220 -16.86 -33.71 0.68
N GLY B 221 -17.93 -33.61 -0.12
CA GLY B 221 -19.21 -34.24 0.21
C GLY B 221 -19.09 -35.74 0.35
N VAL B 222 -18.37 -36.37 -0.57
CA VAL B 222 -18.20 -37.82 -0.62
C VAL B 222 -17.46 -38.37 0.60
N LYS B 223 -16.64 -37.54 1.22
CA LYS B 223 -15.83 -37.95 2.38
C LYS B 223 -16.61 -37.95 3.71
N VAL B 224 -17.86 -37.50 3.67
CA VAL B 224 -18.70 -37.41 4.88
C VAL B 224 -19.42 -38.73 5.17
N VAL B 225 -18.64 -39.79 5.39
CA VAL B 225 -19.17 -41.08 5.81
C VAL B 225 -18.32 -41.65 6.94
N GLY B 226 -18.89 -42.59 7.70
CA GLY B 226 -18.20 -43.23 8.81
C GLY B 226 -18.04 -42.30 9.99
N GLU B 227 -16.91 -42.41 10.68
CA GLU B 227 -16.64 -41.59 11.84
C GLU B 227 -16.56 -40.13 11.47
N LEU B 228 -16.15 -39.87 10.22
CA LEU B 228 -16.11 -38.51 9.67
C LEU B 228 -17.50 -37.95 9.39
N ALA B 229 -18.53 -38.78 9.57
CA ALA B 229 -19.91 -38.32 9.49
C ALA B 229 -20.46 -38.02 10.88
N LYS B 230 -20.11 -38.88 11.84
CA LYS B 230 -20.54 -38.70 13.24
C LYS B 230 -20.03 -37.40 13.83
N VAL B 231 -18.83 -36.98 13.41
CA VAL B 231 -18.28 -35.70 13.81
C VAL B 231 -19.07 -34.54 13.19
N THR B 232 -19.52 -34.73 11.95
CA THR B 232 -20.28 -33.70 11.23
C THR B 232 -21.65 -33.48 11.86
N ALA B 233 -22.29 -34.56 12.28
CA ALA B 233 -23.54 -34.50 13.04
C ALA B 233 -23.30 -33.81 14.39
N ALA B 234 -22.21 -34.19 15.05
CA ALA B 234 -21.83 -33.60 16.34
C ALA B 234 -21.62 -32.09 16.26
N VAL B 235 -21.00 -31.63 15.17
CA VAL B 235 -20.79 -30.19 14.94
C VAL B 235 -22.10 -29.48 14.63
N TYR B 236 -22.85 -29.98 13.66
CA TYR B 236 -24.08 -29.32 13.21
C TYR B 236 -25.21 -29.29 14.23
N VAL B 237 -25.44 -30.41 14.91
CA VAL B 237 -26.45 -30.47 15.98
C VAL B 237 -26.03 -29.55 17.12
N GLY B 238 -24.72 -29.46 17.36
CA GLY B 238 -24.17 -28.54 18.34
C GLY B 238 -24.37 -27.09 17.95
N LEU B 239 -24.07 -26.78 16.69
CA LEU B 239 -24.24 -25.44 16.15
C LEU B 239 -25.71 -25.01 16.17
N THR B 240 -26.61 -25.97 15.91
CA THR B 240 -28.05 -25.73 15.98
C THR B 240 -28.46 -25.27 17.38
N LEU B 241 -27.91 -25.91 18.40
CA LEU B 241 -28.17 -25.54 19.78
C LEU B 241 -27.59 -24.18 20.17
N GLN B 242 -26.46 -23.80 19.58
CA GLN B 242 -25.92 -22.47 19.84
C GLN B 242 -26.90 -21.39 19.36
N ILE B 243 -27.63 -21.69 18.29
CA ILE B 243 -28.62 -20.76 17.78
C ILE B 243 -29.90 -20.76 18.62
N LEU B 244 -30.56 -21.92 18.71
CA LEU B 244 -31.82 -22.04 19.46
C LEU B 244 -31.63 -21.85 20.97
N LEU B 245 -30.68 -22.59 21.55
CA LEU B 245 -30.48 -22.62 23.00
C LEU B 245 -29.70 -21.42 23.57
N VAL B 246 -28.99 -20.68 22.72
CA VAL B 246 -28.17 -19.55 23.22
C VAL B 246 -28.55 -18.18 22.66
N TYR B 247 -28.77 -18.10 21.34
CA TYR B 247 -29.14 -16.83 20.70
C TYR B 247 -30.62 -16.51 20.87
N PHE B 248 -31.48 -17.44 20.45
CA PHE B 248 -32.92 -17.33 20.64
C PHE B 248 -33.28 -17.07 22.10
N VAL B 249 -32.49 -17.66 23.00
CA VAL B 249 -32.68 -17.49 24.44
C VAL B 249 -32.32 -16.07 24.86
N LEU B 250 -31.12 -15.61 24.48
CA LEU B 250 -30.68 -14.27 24.85
C LEU B 250 -31.41 -13.13 24.12
N LEU B 251 -32.01 -13.45 22.98
CA LEU B 251 -32.80 -12.46 22.23
C LEU B 251 -34.16 -12.22 22.90
N LYS B 252 -34.82 -13.31 23.30
CA LYS B 252 -36.05 -13.20 24.07
C LYS B 252 -35.82 -12.46 25.39
N ILE B 253 -34.77 -12.86 26.11
CA ILE B 253 -34.39 -12.23 27.38
C ILE B 253 -34.28 -10.71 27.26
N TYR B 254 -33.75 -10.23 26.14
CA TYR B 254 -33.48 -8.81 25.94
C TYR B 254 -34.57 -8.04 25.17
N GLY B 255 -35.75 -8.64 25.05
CA GLY B 255 -36.90 -7.95 24.48
C GLY B 255 -36.82 -7.75 22.98
N ILE B 256 -36.17 -8.69 22.30
CA ILE B 256 -36.13 -8.72 20.85
C ILE B 256 -36.89 -9.94 20.38
N ASP B 257 -37.43 -9.89 19.17
CA ASP B 257 -38.13 -11.03 18.59
C ASP B 257 -37.16 -11.92 17.80
N PRO B 258 -36.97 -13.17 18.25
CA PRO B 258 -36.04 -14.11 17.61
C PRO B 258 -36.36 -14.38 16.15
N ILE B 259 -37.63 -14.63 15.84
CA ILE B 259 -38.03 -15.03 14.49
C ILE B 259 -37.84 -13.91 13.45
N SER B 260 -38.18 -12.68 13.80
CA SER B 260 -38.04 -11.55 12.86
C SER B 260 -36.62 -10.99 12.81
N PHE B 261 -35.79 -11.45 13.74
CA PHE B 261 -34.34 -11.18 13.72
C PHE B 261 -33.65 -12.10 12.72
N ILE B 262 -34.02 -13.39 12.77
CA ILE B 262 -33.57 -14.39 11.80
C ILE B 262 -34.03 -14.00 10.40
N LYS B 263 -35.24 -13.44 10.30
CA LYS B 263 -35.77 -12.92 9.03
C LYS B 263 -34.86 -11.83 8.44
N LYS B 264 -34.46 -10.89 9.30
CA LYS B 264 -33.63 -9.74 8.88
C LYS B 264 -32.17 -10.11 8.65
N ALA B 265 -31.67 -11.09 9.40
CA ALA B 265 -30.27 -11.53 9.30
C ALA B 265 -30.01 -12.59 8.23
N LYS B 266 -31.09 -13.02 7.57
CA LYS B 266 -31.05 -14.10 6.57
C LYS B 266 -29.89 -14.03 5.57
N ASP B 267 -29.66 -12.83 5.03
CA ASP B 267 -28.64 -12.61 3.99
C ASP B 267 -27.22 -12.77 4.51
N ALA B 268 -26.92 -12.15 5.65
CA ALA B 268 -25.61 -12.27 6.27
C ALA B 268 -25.31 -13.71 6.70
N MET B 269 -26.36 -14.44 7.07
CA MET B 269 -26.23 -15.84 7.48
C MET B 269 -25.88 -16.77 6.33
N LEU B 270 -26.55 -16.60 5.20
CA LEU B 270 -26.31 -17.45 4.04
C LEU B 270 -25.02 -17.10 3.32
N THR B 271 -24.68 -15.82 3.26
CA THR B 271 -23.39 -15.41 2.73
C THR B 271 -22.29 -16.07 3.57
N ALA B 272 -22.37 -15.89 4.88
CA ALA B 272 -21.40 -16.45 5.82
C ALA B 272 -21.24 -17.96 5.71
N PHE B 273 -22.36 -18.64 5.47
CA PHE B 273 -22.39 -20.10 5.33
C PHE B 273 -21.73 -20.56 4.03
N VAL B 274 -22.16 -19.96 2.92
CA VAL B 274 -21.64 -20.28 1.60
C VAL B 274 -20.19 -19.83 1.42
N THR B 275 -19.89 -18.63 1.89
CA THR B 275 -18.60 -18.00 1.62
C THR B 275 -17.47 -18.46 2.56
N ARG B 276 -17.85 -18.93 3.75
CA ARG B 276 -16.89 -19.36 4.78
C ARG B 276 -15.96 -18.25 5.29
N SER B 277 -16.16 -17.03 4.79
CA SER B 277 -15.35 -15.89 5.19
C SER B 277 -16.16 -14.95 6.09
N SER B 278 -15.95 -15.04 7.40
CA SER B 278 -16.59 -14.13 8.37
C SER B 278 -16.25 -12.68 8.03
N SER B 279 -15.02 -12.48 7.56
CA SER B 279 -14.55 -11.17 7.15
C SER B 279 -15.11 -10.77 5.79
N GLY B 280 -15.12 -11.72 4.86
CA GLY B 280 -15.65 -11.48 3.52
C GLY B 280 -17.13 -11.20 3.50
N THR B 281 -17.83 -11.62 4.56
CA THR B 281 -19.27 -11.43 4.69
C THR B 281 -19.63 -10.04 5.23
N LEU B 282 -18.64 -9.38 5.85
CA LEU B 282 -18.84 -8.12 6.56
C LEU B 282 -19.74 -7.05 5.91
N PRO B 283 -19.54 -6.74 4.60
CA PRO B 283 -20.46 -5.78 3.98
C PRO B 283 -21.93 -6.21 4.07
N VAL B 284 -22.20 -7.51 3.93
CA VAL B 284 -23.57 -8.02 4.07
C VAL B 284 -24.02 -8.07 5.55
N THR B 285 -23.14 -8.56 6.42
CA THR B 285 -23.40 -8.57 7.87
C THR B 285 -23.73 -7.15 8.37
N MET B 286 -23.02 -6.16 7.83
CA MET B 286 -23.22 -4.77 8.18
C MET B 286 -24.48 -4.17 7.58
N ARG B 287 -24.77 -4.49 6.32
CA ARG B 287 -25.97 -3.97 5.68
C ARG B 287 -27.19 -4.47 6.43
N VAL B 288 -27.21 -5.75 6.76
CA VAL B 288 -28.30 -6.36 7.53
C VAL B 288 -28.48 -5.69 8.91
N ALA B 289 -27.40 -5.17 9.48
CA ALA B 289 -27.46 -4.40 10.73
C ALA B 289 -28.21 -3.09 10.55
N LYS B 290 -27.91 -2.38 9.45
CA LYS B 290 -28.62 -1.16 9.08
C LYS B 290 -30.05 -1.43 8.66
N GLU B 291 -30.29 -2.61 8.08
CA GLU B 291 -31.63 -3.08 7.65
C GLU B 291 -32.60 -3.20 8.83
N MET B 292 -32.13 -3.83 9.91
CA MET B 292 -32.92 -3.90 11.14
C MET B 292 -32.80 -2.62 11.96
N GLY B 293 -32.09 -1.64 11.42
CA GLY B 293 -32.07 -0.28 11.95
C GLY B 293 -31.35 -0.10 13.27
N ILE B 294 -30.30 -0.88 13.49
CA ILE B 294 -29.42 -0.66 14.63
C ILE B 294 -28.60 0.61 14.38
N SER B 295 -28.26 1.34 15.44
CA SER B 295 -27.47 2.56 15.32
C SER B 295 -26.12 2.33 14.63
N GLU B 296 -25.81 3.20 13.66
CA GLU B 296 -24.53 3.10 12.93
C GLU B 296 -23.36 3.30 13.90
N GLY B 297 -23.65 4.01 15.00
CA GLY B 297 -22.70 4.16 16.09
C GLY B 297 -22.25 2.81 16.63
N ILE B 298 -23.22 1.96 16.96
CA ILE B 298 -22.96 0.64 17.57
C ILE B 298 -22.41 -0.40 16.59
N TYR B 299 -23.17 -0.71 15.53
CA TYR B 299 -22.81 -1.81 14.63
C TYR B 299 -21.52 -1.63 13.86
N SER B 300 -21.12 -0.39 13.61
CA SER B 300 -19.92 -0.11 12.84
C SER B 300 -18.65 -0.36 13.65
N PHE B 301 -18.83 -0.59 14.95
CA PHE B 301 -17.71 -0.92 15.82
C PHE B 301 -17.77 -2.38 16.27
N THR B 302 -18.97 -2.83 16.62
CA THR B 302 -19.17 -4.19 17.15
C THR B 302 -18.96 -5.30 16.13
N LEU B 303 -19.46 -5.08 14.91
CA LEU B 303 -19.41 -6.09 13.85
C LEU B 303 -18.02 -6.37 13.27
N PRO B 304 -17.22 -5.32 12.97
CA PRO B 304 -15.89 -5.61 12.45
C PRO B 304 -14.98 -6.18 13.53
N LEU B 305 -15.11 -5.69 14.75
CA LEU B 305 -14.37 -6.24 15.87
C LEU B 305 -14.81 -7.68 16.12
N GLY B 306 -16.12 -7.91 16.05
CA GLY B 306 -16.68 -9.24 16.23
C GLY B 306 -16.39 -10.22 15.11
N ALA B 307 -16.12 -9.67 13.92
CA ALA B 307 -15.77 -10.48 12.76
C ALA B 307 -14.47 -11.20 12.99
N THR B 308 -13.69 -10.68 13.95
CA THR B 308 -12.37 -11.22 14.27
C THR B 308 -12.36 -11.88 15.65
N ILE B 309 -12.95 -11.21 16.64
CA ILE B 309 -12.92 -11.69 18.01
C ILE B 309 -14.00 -12.75 18.31
N ASN B 310 -15.24 -12.51 17.89
CA ASN B 310 -16.35 -13.43 18.25
C ASN B 310 -16.62 -14.56 17.29
N MET B 311 -16.09 -15.75 17.62
CA MET B 311 -16.28 -16.92 16.78
C MET B 311 -16.83 -18.07 17.60
N ASP B 312 -18.12 -17.96 17.93
CA ASP B 312 -18.85 -18.98 18.69
C ASP B 312 -18.88 -20.31 17.92
N GLY B 313 -19.19 -20.23 16.63
CA GLY B 313 -19.26 -21.41 15.76
C GLY B 313 -17.96 -22.19 15.72
N THR B 314 -16.86 -21.47 15.49
CA THR B 314 -15.53 -22.09 15.42
C THR B 314 -15.08 -22.61 16.78
N ALA B 315 -15.38 -21.86 17.84
CA ALA B 315 -15.08 -22.29 19.21
C ALA B 315 -15.74 -23.63 19.55
N LEU B 316 -16.89 -23.90 18.93
CA LEU B 316 -17.58 -25.18 19.08
C LEU B 316 -16.84 -26.26 18.30
N TYR B 317 -16.45 -25.95 17.06
CA TYR B 317 -15.71 -26.88 16.21
C TYR B 317 -14.40 -27.31 16.84
N GLN B 318 -13.78 -26.39 17.57
CA GLN B 318 -12.55 -26.67 18.29
C GLN B 318 -12.79 -27.61 19.47
N GLY B 319 -13.97 -27.51 20.06
CA GLY B 319 -14.34 -28.38 21.18
C GLY B 319 -14.62 -29.81 20.75
N VAL B 320 -15.28 -29.96 19.60
CA VAL B 320 -15.70 -31.28 19.13
C VAL B 320 -14.60 -31.98 18.31
N CYS B 321 -13.57 -31.22 17.93
CA CYS B 321 -12.39 -31.80 17.30
C CYS B 321 -11.38 -32.29 18.33
N THR B 322 -11.20 -31.51 19.40
CA THR B 322 -10.35 -31.90 20.52
C THR B 322 -10.82 -33.24 21.12
N PHE B 323 -12.08 -33.57 20.90
CA PHE B 323 -12.61 -34.85 21.34
C PHE B 323 -12.55 -35.95 20.28
N PHE B 324 -12.54 -35.55 19.01
CA PHE B 324 -12.35 -36.53 17.94
C PHE B 324 -10.94 -37.09 17.97
N ILE B 325 -9.96 -36.21 18.13
CA ILE B 325 -8.56 -36.59 18.17
C ILE B 325 -8.26 -37.41 19.44
N ALA B 326 -8.81 -36.98 20.57
CA ALA B 326 -8.63 -37.68 21.84
C ALA B 326 -9.18 -39.11 21.81
N ASN B 327 -10.34 -39.28 21.19
CA ASN B 327 -10.98 -40.59 21.06
C ASN B 327 -10.23 -41.50 20.07
N ALA B 328 -9.70 -40.91 19.00
CA ALA B 328 -8.95 -41.66 18.00
C ALA B 328 -7.58 -42.10 18.51
N LEU B 329 -6.97 -41.28 19.35
CA LEU B 329 -5.71 -41.64 20.02
C LEU B 329 -5.96 -42.66 21.12
N GLY B 330 -7.16 -42.65 21.68
CA GLY B 330 -7.60 -43.68 22.62
C GLY B 330 -7.30 -43.36 24.08
N SER B 331 -7.52 -42.11 24.47
CA SER B 331 -7.43 -41.69 25.88
C SER B 331 -8.37 -40.53 26.15
N HIS B 332 -9.30 -40.73 27.07
CA HIS B 332 -10.31 -39.73 27.41
C HIS B 332 -9.73 -38.60 28.26
N LEU B 333 -10.51 -37.53 28.42
CA LEU B 333 -10.07 -36.33 29.12
C LEU B 333 -10.93 -36.09 30.36
N THR B 334 -10.31 -35.61 31.42
CA THR B 334 -11.00 -35.37 32.70
C THR B 334 -11.51 -33.94 32.86
N VAL B 335 -12.10 -33.65 34.02
CA VAL B 335 -12.62 -32.32 34.36
C VAL B 335 -11.54 -31.23 34.25
N GLY B 336 -10.33 -31.54 34.74
CA GLY B 336 -9.20 -30.60 34.70
C GLY B 336 -8.61 -30.43 33.30
N GLN B 337 -8.84 -31.41 32.44
CA GLN B 337 -8.41 -31.38 31.05
C GLN B 337 -9.47 -30.74 30.14
N GLN B 338 -10.74 -31.03 30.41
CA GLN B 338 -11.85 -30.45 29.64
C GLN B 338 -11.99 -28.95 29.86
N LEU B 339 -11.79 -28.51 31.11
CA LEU B 339 -11.79 -27.08 31.43
C LEU B 339 -10.55 -26.38 30.90
N THR B 340 -9.48 -27.14 30.69
CA THR B 340 -8.27 -26.61 30.07
C THR B 340 -8.48 -26.36 28.57
N ILE B 341 -9.44 -27.07 27.97
CA ILE B 341 -9.85 -26.81 26.59
C ILE B 341 -10.64 -25.51 26.53
N VAL B 342 -11.73 -25.43 27.31
CA VAL B 342 -12.62 -24.27 27.30
C VAL B 342 -11.87 -22.93 27.40
N LEU B 343 -10.86 -22.88 28.29
CA LEU B 343 -10.07 -21.67 28.47
C LEU B 343 -9.14 -21.37 27.28
N THR B 344 -8.45 -22.39 26.77
CA THR B 344 -7.53 -22.21 25.65
C THR B 344 -8.27 -21.96 24.34
N ALA B 345 -9.44 -22.59 24.19
CA ALA B 345 -10.27 -22.43 22.98
C ALA B 345 -10.89 -21.04 22.89
N VAL B 346 -11.22 -20.45 24.03
CA VAL B 346 -11.62 -19.05 24.09
C VAL B 346 -10.42 -18.17 23.76
N LEU B 347 -9.30 -18.44 24.43
CA LEU B 347 -8.04 -17.71 24.21
C LEU B 347 -7.39 -17.94 22.82
N ALA B 348 -7.95 -18.84 22.03
CA ALA B 348 -7.50 -19.08 20.66
C ALA B 348 -8.62 -18.80 19.63
N ILE B 361 -6.97 -24.13 11.94
CA ILE B 361 -5.51 -24.28 11.95
C ILE B 361 -4.89 -23.75 13.27
N MET B 362 -5.70 -23.02 14.02
CA MET B 362 -5.34 -22.59 15.39
C MET B 362 -5.88 -23.56 16.44
N LEU B 363 -6.59 -24.57 15.95
CA LEU B 363 -6.94 -25.75 16.72
C LEU B 363 -5.67 -26.46 17.19
N ALA B 364 -4.56 -26.21 16.48
CA ALA B 364 -3.25 -26.78 16.81
C ALA B 364 -2.70 -26.26 18.14
N MET B 365 -3.31 -25.20 18.65
CA MET B 365 -2.87 -24.56 19.88
C MET B 365 -3.68 -25.04 21.08
N VAL B 366 -4.92 -25.46 20.82
CA VAL B 366 -5.80 -26.03 21.84
C VAL B 366 -5.63 -27.56 21.93
N LEU B 367 -4.77 -28.11 21.09
CA LEU B 367 -4.45 -29.54 21.12
C LEU B 367 -3.19 -29.81 21.94
N GLU B 368 -2.30 -28.83 22.00
CA GLU B 368 -1.11 -28.93 22.82
C GLU B 368 -1.44 -28.65 24.28
N SER B 369 -2.52 -27.90 24.51
CA SER B 369 -2.93 -27.52 25.85
C SER B 369 -3.48 -28.70 26.65
N VAL B 370 -4.05 -29.69 25.97
CA VAL B 370 -4.51 -30.89 26.64
C VAL B 370 -3.39 -31.90 26.84
N GLY B 371 -2.44 -31.92 25.89
CA GLY B 371 -1.25 -32.76 26.01
C GLY B 371 -0.98 -33.68 24.83
N LEU B 372 -1.70 -33.47 23.72
CA LEU B 372 -1.50 -34.28 22.53
C LEU B 372 -1.14 -33.41 21.32
N PRO B 373 0.16 -33.04 21.21
CA PRO B 373 0.66 -32.11 20.19
C PRO B 373 0.42 -32.58 18.74
N LEU B 374 0.44 -31.62 17.81
CA LEU B 374 0.10 -31.89 16.42
C LEU B 374 1.23 -32.55 15.64
N THR B 375 2.45 -32.44 16.15
CA THR B 375 3.65 -33.02 15.51
C THR B 375 3.67 -34.55 15.63
N ASP B 376 3.01 -35.06 16.67
CA ASP B 376 2.89 -36.49 16.95
C ASP B 376 2.29 -37.26 15.75
N PRO B 377 3.10 -38.15 15.12
CA PRO B 377 2.75 -38.90 13.91
C PRO B 377 1.30 -39.43 13.82
N ASN B 378 0.79 -40.00 14.92
CA ASN B 378 -0.58 -40.55 14.92
C ASN B 378 -1.69 -39.55 15.23
N VAL B 379 -1.35 -38.50 15.99
CA VAL B 379 -2.24 -37.35 16.14
C VAL B 379 -2.40 -36.69 14.77
N ALA B 380 -1.28 -36.49 14.09
CA ALA B 380 -1.25 -35.79 12.81
C ALA B 380 -2.02 -36.50 11.71
N ALA B 381 -1.99 -37.83 11.73
CA ALA B 381 -2.71 -38.61 10.74
C ALA B 381 -4.21 -38.63 11.02
N ALA B 382 -4.58 -38.34 12.28
CA ALA B 382 -5.99 -38.27 12.68
C ALA B 382 -6.58 -36.91 12.30
N TYR B 383 -5.80 -35.86 12.50
CA TYR B 383 -6.16 -34.49 12.14
C TYR B 383 -6.27 -34.35 10.62
N ALA B 384 -5.55 -35.22 9.91
CA ALA B 384 -5.58 -35.27 8.45
C ALA B 384 -6.97 -35.60 7.90
N MET B 385 -7.67 -36.50 8.57
CA MET B 385 -9.05 -36.86 8.22
C MET B 385 -10.01 -35.69 8.47
N ILE B 386 -9.88 -35.07 9.65
CA ILE B 386 -10.69 -33.91 10.03
C ILE B 386 -10.55 -32.76 9.05
N LEU B 387 -9.32 -32.47 8.65
CA LEU B 387 -9.04 -31.43 7.66
C LEU B 387 -9.54 -31.87 6.28
N GLY B 388 -9.85 -33.15 6.14
CA GLY B 388 -10.40 -33.70 4.89
C GLY B 388 -11.84 -33.32 4.63
N ILE B 389 -12.58 -33.00 5.69
CA ILE B 389 -13.97 -32.54 5.58
C ILE B 389 -14.14 -31.13 6.17
N ASP B 390 -13.07 -30.35 6.15
CA ASP B 390 -13.06 -29.06 6.82
C ASP B 390 -14.04 -28.05 6.20
N ALA B 391 -14.04 -27.97 4.87
CA ALA B 391 -14.91 -27.03 4.16
C ALA B 391 -16.40 -27.29 4.39
N ILE B 392 -16.75 -28.55 4.67
CA ILE B 392 -18.12 -28.88 5.09
C ILE B 392 -18.41 -28.33 6.50
N LEU B 393 -17.53 -28.63 7.44
CA LEU B 393 -17.71 -28.21 8.84
C LEU B 393 -17.60 -26.71 8.96
N ASP B 394 -16.82 -26.10 8.06
CA ASP B 394 -16.51 -24.68 8.16
C ASP B 394 -17.62 -23.78 7.65
N MET B 395 -18.51 -24.32 6.82
CA MET B 395 -19.68 -23.58 6.34
C MET B 395 -20.59 -23.24 7.51
N GLY B 396 -21.01 -24.28 8.23
CA GLY B 396 -21.85 -24.12 9.41
C GLY B 396 -21.22 -23.23 10.46
N CYS B 397 -19.93 -23.44 10.71
CA CYS B 397 -19.17 -22.67 11.71
C CYS B 397 -19.17 -21.17 11.43
N THR B 398 -18.85 -20.79 10.20
CA THR B 398 -18.76 -19.40 9.81
C THR B 398 -20.11 -18.69 9.90
N MET B 399 -21.18 -19.42 9.64
CA MET B 399 -22.52 -18.87 9.76
C MET B 399 -22.83 -18.49 11.22
N VAL B 400 -22.62 -19.44 12.12
CA VAL B 400 -22.84 -19.23 13.55
C VAL B 400 -21.85 -18.19 14.10
N ASN B 401 -20.64 -18.18 13.54
CA ASN B 401 -19.64 -17.15 13.83
C ASN B 401 -20.22 -15.76 13.60
N VAL B 402 -20.74 -15.55 12.40
CA VAL B 402 -21.32 -14.27 11.97
C VAL B 402 -22.66 -13.96 12.67
N THR B 403 -23.52 -14.96 12.78
CA THR B 403 -24.79 -14.78 13.47
C THR B 403 -24.55 -14.26 14.89
N GLY B 404 -23.64 -14.91 15.61
CA GLY B 404 -23.27 -14.52 16.96
C GLY B 404 -22.91 -13.05 17.11
N ASP B 405 -22.39 -12.45 16.05
CA ASP B 405 -22.02 -11.03 16.05
C ASP B 405 -23.27 -10.15 15.99
N LEU B 406 -24.21 -10.51 15.11
CA LEU B 406 -25.42 -9.73 14.95
C LEU B 406 -26.24 -9.76 16.22
N THR B 407 -26.29 -10.94 16.84
CA THR B 407 -27.00 -11.16 18.10
C THR B 407 -26.46 -10.24 19.19
N GLY B 408 -25.13 -10.12 19.26
CA GLY B 408 -24.48 -9.30 20.25
C GLY B 408 -24.76 -7.83 20.04
N THR B 409 -24.68 -7.40 18.78
CA THR B 409 -24.97 -6.03 18.39
C THR B 409 -26.41 -5.66 18.76
N ALA B 410 -27.35 -6.52 18.40
CA ALA B 410 -28.76 -6.32 18.71
C ALA B 410 -29.02 -6.17 20.22
N ILE B 411 -28.29 -6.93 21.04
CA ILE B 411 -28.43 -6.87 22.49
C ILE B 411 -27.86 -5.58 23.07
N VAL B 412 -26.66 -5.23 22.65
CA VAL B 412 -26.00 -3.99 23.08
C VAL B 412 -26.80 -2.77 22.59
N ALA B 413 -27.38 -2.87 21.40
CA ALA B 413 -28.17 -1.80 20.81
C ALA B 413 -29.47 -1.55 21.57
N LYS B 414 -30.06 -2.62 22.09
CA LYS B 414 -31.27 -2.54 22.91
C LYS B 414 -30.99 -1.75 24.19
N THR B 415 -29.82 -1.99 24.76
CA THR B 415 -29.35 -1.28 25.96
C THR B 415 -28.46 -0.08 25.62
N GLU B 416 -28.45 0.30 24.33
CA GLU B 416 -27.80 1.54 23.86
C GLU B 416 -26.32 1.66 24.25
N GLU C 9 9.41 29.25 -20.67
CA GLU C 9 8.85 30.00 -21.85
C GLU C 9 8.92 29.15 -23.13
N TYR C 10 8.59 29.77 -24.28
CA TYR C 10 8.76 29.18 -25.62
C TYR C 10 7.67 28.14 -25.97
N PRO C 11 7.16 28.16 -27.22
CA PRO C 11 6.21 27.14 -27.72
C PRO C 11 6.76 25.71 -27.58
N VAL C 12 6.11 24.91 -26.72
CA VAL C 12 6.68 23.63 -26.22
C VAL C 12 6.53 22.40 -27.14
N LEU C 13 5.64 22.46 -28.12
CA LEU C 13 5.50 21.38 -29.11
C LEU C 13 6.68 21.42 -30.12
N GLN C 14 7.45 22.50 -30.07
CA GLN C 14 8.67 22.64 -30.86
C GLN C 14 9.91 22.21 -30.06
N LYS C 15 10.01 22.70 -28.82
CA LYS C 15 11.10 22.35 -27.91
C LYS C 15 11.27 20.83 -27.79
N ILE C 16 10.15 20.11 -27.85
CA ILE C 16 10.14 18.64 -27.86
C ILE C 16 10.73 18.10 -29.17
N LEU C 17 10.26 18.62 -30.30
CA LEU C 17 10.79 18.25 -31.60
C LEU C 17 12.28 18.56 -31.75
N ILE C 18 12.70 19.73 -31.26
CA ILE C 18 14.11 20.13 -31.24
C ILE C 18 14.91 19.12 -30.43
N GLY C 19 14.44 18.85 -29.22
CA GLY C 19 15.07 17.88 -28.32
C GLY C 19 15.13 16.50 -28.93
N LEU C 20 14.08 16.11 -29.64
CA LEU C 20 14.01 14.79 -30.27
C LEU C 20 14.99 14.66 -31.45
N ILE C 21 15.06 15.67 -32.32
CA ILE C 21 15.98 15.64 -33.46
C ILE C 21 17.44 15.81 -33.00
N LEU C 22 17.65 16.78 -32.10
CA LEU C 22 18.97 17.04 -31.52
C LEU C 22 19.44 15.88 -30.64
N GLY C 23 18.50 15.17 -30.03
CA GLY C 23 18.80 14.00 -29.20
C GLY C 23 19.32 12.81 -29.98
N ALA C 24 18.70 12.56 -31.14
CA ALA C 24 19.08 11.44 -32.00
C ALA C 24 20.48 11.63 -32.57
N ILE C 25 20.81 12.88 -32.90
CA ILE C 25 22.13 13.22 -33.44
C ILE C 25 23.22 13.12 -32.36
N VAL C 26 22.98 13.75 -31.21
CA VAL C 26 23.89 13.67 -30.06
C VAL C 26 23.97 12.22 -29.56
N GLY C 27 22.90 11.47 -29.78
CA GLY C 27 22.86 10.06 -29.41
C GLY C 27 23.74 9.21 -30.30
N LEU C 28 23.28 9.00 -31.54
CA LEU C 28 23.97 8.12 -32.50
C LEU C 28 25.47 8.37 -32.58
N ILE C 29 25.87 9.64 -32.46
CA ILE C 29 27.29 10.04 -32.54
C ILE C 29 28.10 9.68 -31.30
N LEU C 30 27.61 10.04 -30.11
CA LEU C 30 28.29 9.72 -28.86
C LEU C 30 28.52 8.22 -28.67
N GLY C 31 27.50 7.43 -28.99
CA GLY C 31 27.57 5.97 -28.85
C GLY C 31 28.50 5.26 -29.82
N HIS C 32 28.57 5.78 -31.04
CA HIS C 32 29.46 5.25 -32.09
C HIS C 32 30.94 5.47 -31.76
N TYR C 33 31.21 6.43 -30.88
CA TYR C 33 32.56 6.72 -30.41
C TYR C 33 32.89 6.03 -29.08
N GLY C 34 31.96 5.23 -28.58
CA GLY C 34 32.18 4.42 -27.38
C GLY C 34 31.67 5.03 -26.10
N TYR C 35 30.96 6.16 -26.20
CA TYR C 35 30.40 6.83 -25.03
C TYR C 35 29.03 6.29 -24.61
N ALA C 36 28.76 5.03 -24.98
CA ALA C 36 27.56 4.32 -24.55
C ALA C 36 27.43 4.37 -23.03
N ASP C 37 28.56 4.21 -22.35
CA ASP C 37 28.65 4.35 -20.90
C ASP C 37 28.38 5.77 -20.42
N ALA C 38 29.08 6.74 -21.04
CA ALA C 38 29.01 8.14 -20.65
C ALA C 38 27.59 8.68 -20.67
N VAL C 39 26.85 8.37 -21.73
CA VAL C 39 25.46 8.78 -21.87
C VAL C 39 24.60 8.22 -20.73
N LYS C 40 24.78 6.92 -20.44
CA LYS C 40 24.01 6.23 -19.40
C LYS C 40 24.17 6.82 -18.00
N THR C 41 25.38 7.24 -17.66
CA THR C 41 25.65 7.73 -16.33
C THR C 41 25.36 9.24 -16.17
N TYR C 42 25.40 9.99 -17.27
CA TYR C 42 25.26 11.44 -17.23
C TYR C 42 23.95 11.97 -17.80
N VAL C 43 23.56 11.47 -18.96
CA VAL C 43 22.41 12.00 -19.68
C VAL C 43 21.12 11.32 -19.20
N LYS C 44 21.14 10.00 -19.13
CA LYS C 44 19.94 9.21 -18.86
C LYS C 44 19.15 9.61 -17.61
N PRO C 45 19.83 9.89 -16.48
CA PRO C 45 19.09 10.33 -15.29
C PRO C 45 18.08 11.46 -15.55
N PHE C 46 18.40 12.39 -16.46
CA PHE C 46 17.50 13.48 -16.80
C PHE C 46 16.27 12.96 -17.54
N GLY C 47 16.48 11.95 -18.37
CA GLY C 47 15.39 11.29 -19.08
C GLY C 47 14.55 10.46 -18.15
N ASP C 48 15.17 9.98 -17.08
CA ASP C 48 14.48 9.17 -16.08
C ASP C 48 13.54 10.02 -15.25
N LEU C 49 14.02 11.19 -14.83
CA LEU C 49 13.21 12.14 -14.06
C LEU C 49 11.91 12.44 -14.76
N PHE C 50 11.94 12.55 -16.09
CA PHE C 50 10.74 12.75 -16.89
C PHE C 50 9.77 11.56 -16.73
N VAL C 51 10.29 10.35 -16.90
CA VAL C 51 9.48 9.11 -16.78
C VAL C 51 8.88 9.00 -15.39
N ARG C 52 9.69 9.31 -14.39
CA ARG C 52 9.25 9.26 -13.00
C ARG C 52 8.08 10.21 -12.79
N LEU C 53 8.25 11.44 -13.25
CA LEU C 53 7.25 12.49 -13.05
C LEU C 53 5.91 12.19 -13.73
N LEU C 54 5.95 11.40 -14.79
CA LEU C 54 4.73 10.98 -15.46
C LEU C 54 4.05 9.80 -14.74
N LYS C 55 4.83 8.79 -14.38
CA LYS C 55 4.29 7.66 -13.62
C LYS C 55 3.60 8.14 -12.35
N MET C 56 4.21 9.15 -11.73
CA MET C 56 3.71 9.76 -10.51
C MET C 56 2.22 10.09 -10.58
N LEU C 57 1.77 10.49 -11.75
CA LEU C 57 0.43 11.01 -11.90
C LEU C 57 -0.59 9.93 -12.28
N VAL C 58 -0.11 8.79 -12.74
CA VAL C 58 -0.99 7.76 -13.32
C VAL C 58 -2.09 7.33 -12.37
N MET C 59 -1.71 6.98 -11.16
CA MET C 59 -2.69 6.42 -10.24
C MET C 59 -3.80 7.40 -9.83
N PRO C 60 -3.43 8.60 -9.33
CA PRO C 60 -4.46 9.58 -9.01
C PRO C 60 -5.37 9.90 -10.19
N ILE C 61 -4.79 10.29 -11.33
CA ILE C 61 -5.58 10.63 -12.53
C ILE C 61 -6.56 9.53 -12.96
N VAL C 62 -6.07 8.31 -13.15
CA VAL C 62 -6.90 7.23 -13.68
C VAL C 62 -8.09 7.00 -12.78
N PHE C 63 -7.82 6.85 -11.48
CA PHE C 63 -8.88 6.68 -10.48
C PHE C 63 -9.81 7.88 -10.41
N ALA C 64 -9.26 9.05 -10.09
CA ALA C 64 -10.06 10.27 -9.87
C ALA C 64 -10.89 10.65 -11.07
N SER C 65 -10.26 10.63 -12.24
CA SER C 65 -10.95 10.95 -13.49
C SER C 65 -12.13 10.00 -13.76
N LEU C 66 -11.91 8.71 -13.52
CA LEU C 66 -12.91 7.69 -13.83
C LEU C 66 -14.10 7.67 -12.86
N VAL C 67 -13.89 7.99 -11.58
CA VAL C 67 -15.03 8.10 -10.66
C VAL C 67 -15.96 9.21 -11.14
N VAL C 68 -15.38 10.36 -11.50
CA VAL C 68 -16.13 11.49 -12.04
C VAL C 68 -16.82 11.12 -13.35
N GLY C 69 -16.05 10.54 -14.27
CA GLY C 69 -16.53 10.18 -15.60
C GLY C 69 -17.63 9.14 -15.59
N ALA C 70 -17.49 8.13 -14.75
CA ALA C 70 -18.50 7.07 -14.63
C ALA C 70 -19.73 7.56 -13.86
N ALA C 71 -19.53 8.56 -12.99
CA ALA C 71 -20.64 9.19 -12.27
C ALA C 71 -21.33 10.24 -13.12
N SER C 72 -20.71 10.54 -14.25
CA SER C 72 -21.21 11.54 -15.18
C SER C 72 -22.14 10.94 -16.24
N ILE C 73 -21.75 9.80 -16.80
CA ILE C 73 -22.49 9.20 -17.90
C ILE C 73 -23.42 8.07 -17.42
N SER C 74 -24.35 7.68 -18.30
CA SER C 74 -25.36 6.66 -18.01
C SER C 74 -24.73 5.27 -17.95
N PRO C 75 -25.14 4.45 -16.96
CA PRO C 75 -24.64 3.07 -16.82
C PRO C 75 -24.94 2.19 -18.05
N ALA C 76 -25.90 2.63 -18.87
CA ALA C 76 -26.20 1.99 -20.13
C ALA C 76 -25.22 2.46 -21.21
N ARG C 77 -25.04 3.77 -21.30
CA ARG C 77 -24.13 4.41 -22.26
C ARG C 77 -22.71 3.87 -22.10
N LEU C 78 -22.29 3.65 -20.86
CA LEU C 78 -20.94 3.19 -20.53
C LEU C 78 -20.70 1.78 -21.06
N GLY C 79 -21.67 0.90 -20.87
CA GLY C 79 -21.58 -0.48 -21.36
C GLY C 79 -21.47 -0.53 -22.87
N ARG C 80 -22.25 0.31 -23.54
CA ARG C 80 -22.23 0.40 -25.00
C ARG C 80 -20.88 0.94 -25.49
N VAL C 81 -20.30 1.85 -24.72
CA VAL C 81 -18.95 2.34 -24.98
C VAL C 81 -17.98 1.18 -24.83
N GLY C 82 -18.14 0.44 -23.72
CA GLY C 82 -17.30 -0.71 -23.40
C GLY C 82 -17.25 -1.74 -24.50
N VAL C 83 -18.43 -2.19 -24.94
CA VAL C 83 -18.54 -3.21 -26.00
C VAL C 83 -18.00 -2.71 -27.35
N LYS C 84 -18.17 -1.41 -27.60
CA LYS C 84 -17.66 -0.79 -28.83
C LYS C 84 -16.14 -0.70 -28.88
N ILE C 85 -15.53 -0.25 -27.79
CA ILE C 85 -14.08 -0.08 -27.74
C ILE C 85 -13.32 -1.41 -27.76
N VAL C 86 -13.91 -2.45 -27.17
CA VAL C 86 -13.31 -3.78 -27.15
C VAL C 86 -13.36 -4.42 -28.54
N VAL C 87 -14.52 -4.33 -29.19
CA VAL C 87 -14.67 -4.79 -30.57
C VAL C 87 -13.68 -4.06 -31.48
N TYR C 88 -13.52 -2.75 -31.25
CA TYR C 88 -12.54 -1.95 -31.98
C TYR C 88 -11.10 -2.43 -31.73
N TYR C 89 -10.76 -2.64 -30.45
CA TYR C 89 -9.40 -2.98 -30.04
C TYR C 89 -8.87 -4.29 -30.63
N LEU C 90 -9.72 -5.31 -30.61
CA LEU C 90 -9.39 -6.63 -31.12
C LEU C 90 -9.17 -6.59 -32.62
N LEU C 91 -10.09 -5.94 -33.33
CA LEU C 91 -10.04 -5.82 -34.78
C LEU C 91 -8.85 -5.00 -35.26
N THR C 92 -8.48 -3.97 -34.52
CA THR C 92 -7.28 -3.17 -34.84
C THR C 92 -6.01 -3.96 -34.57
N SER C 93 -6.00 -4.70 -33.46
CA SER C 93 -4.88 -5.53 -33.09
C SER C 93 -4.70 -6.71 -34.05
N ALA C 94 -5.80 -7.29 -34.51
CA ALA C 94 -5.76 -8.36 -35.52
C ALA C 94 -5.21 -7.86 -36.84
N PHE C 95 -5.71 -6.70 -37.26
CA PHE C 95 -5.27 -6.04 -38.50
C PHE C 95 -3.78 -5.73 -38.45
N ALA C 96 -3.30 -5.38 -37.26
CA ALA C 96 -1.91 -4.98 -37.08
C ALA C 96 -0.94 -6.15 -37.24
N VAL C 97 -1.39 -7.36 -36.91
CA VAL C 97 -0.56 -8.56 -37.05
C VAL C 97 -0.44 -8.94 -38.53
N THR C 98 -1.59 -9.03 -39.21
CA THR C 98 -1.64 -9.36 -40.64
C THR C 98 -0.93 -8.33 -41.52
N LEU C 99 -0.77 -7.12 -41.00
CA LEU C 99 -0.01 -6.06 -41.66
C LEU C 99 1.48 -6.21 -41.39
N GLY C 100 1.81 -6.77 -40.22
CA GLY C 100 3.19 -7.05 -39.85
C GLY C 100 3.74 -8.26 -40.58
N ILE C 101 2.88 -9.25 -40.80
CA ILE C 101 3.22 -10.45 -41.58
C ILE C 101 3.47 -10.07 -43.04
N ILE C 102 2.62 -9.19 -43.57
CA ILE C 102 2.79 -8.64 -44.92
C ILE C 102 4.14 -7.94 -45.09
N MET C 103 4.57 -7.21 -44.07
CA MET C 103 5.88 -6.55 -44.06
C MET C 103 7.04 -7.53 -43.89
N ALA C 104 6.78 -8.63 -43.18
CA ALA C 104 7.78 -9.64 -42.91
C ALA C 104 7.96 -10.59 -44.08
N ARG C 105 7.04 -10.51 -45.04
CA ARG C 105 7.16 -11.26 -46.29
C ARG C 105 7.54 -10.34 -47.44
N LEU C 106 7.15 -9.07 -47.33
CA LEU C 106 7.56 -8.02 -48.28
C LEU C 106 9.07 -7.81 -48.18
N PHE C 107 9.54 -7.58 -46.96
CA PHE C 107 10.96 -7.65 -46.64
C PHE C 107 11.29 -9.11 -46.35
N ASN C 108 12.58 -9.45 -46.37
CA ASN C 108 13.01 -10.76 -45.88
C ASN C 108 14.02 -10.63 -44.74
N PRO C 109 13.50 -10.42 -43.51
CA PRO C 109 14.36 -10.21 -42.34
C PRO C 109 14.98 -11.50 -41.85
N GLY C 110 16.31 -11.56 -41.94
CA GLY C 110 17.08 -12.72 -41.52
C GLY C 110 16.88 -13.97 -42.36
N ALA C 111 16.70 -13.77 -43.67
CA ALA C 111 16.46 -14.89 -44.59
C ALA C 111 17.70 -15.74 -44.82
N GLY C 112 18.79 -15.11 -45.26
CA GLY C 112 20.02 -15.82 -45.59
C GLY C 112 20.92 -16.12 -44.41
N ILE C 113 20.69 -15.45 -43.28
CA ILE C 113 21.56 -15.53 -42.11
C ILE C 113 21.62 -16.94 -41.47
N HIS C 114 22.82 -17.32 -41.04
CA HIS C 114 23.05 -18.51 -40.21
C HIS C 114 23.91 -18.10 -39.02
N LEU C 115 23.26 -17.90 -37.87
CA LEU C 115 23.88 -17.22 -36.72
C LEU C 115 24.55 -18.12 -35.69
N ALA C 116 25.38 -17.51 -34.84
CA ALA C 116 26.15 -18.21 -33.81
C ALA C 116 25.27 -18.75 -32.69
N VAL C 117 25.31 -20.06 -32.51
CA VAL C 117 24.44 -20.77 -31.57
C VAL C 117 25.11 -20.99 -30.22
N GLY C 118 24.30 -21.16 -29.19
CA GLY C 118 24.79 -21.55 -27.87
C GLY C 118 25.35 -20.42 -27.03
N GLY C 119 25.30 -19.20 -27.56
CA GLY C 119 25.77 -18.03 -26.84
C GLY C 119 24.88 -17.70 -25.65
N GLN C 120 23.61 -17.45 -25.95
CA GLN C 120 22.62 -17.07 -24.93
C GLN C 120 21.47 -18.09 -24.85
N GLN C 121 20.93 -18.29 -23.65
CA GLN C 121 19.80 -19.19 -23.42
C GLN C 121 18.66 -18.49 -22.68
N PHE C 122 17.43 -18.92 -22.94
CA PHE C 122 16.25 -18.33 -22.29
C PHE C 122 15.30 -19.37 -21.71
N GLN C 123 14.50 -18.95 -20.73
CA GLN C 123 13.39 -19.75 -20.19
C GLN C 123 12.26 -18.78 -19.87
N PRO C 124 11.19 -18.78 -20.69
CA PRO C 124 10.09 -17.84 -20.46
C PRO C 124 9.20 -18.22 -19.26
N LYS C 125 8.72 -17.20 -18.55
CA LYS C 125 7.76 -17.40 -17.46
C LYS C 125 6.41 -17.78 -18.06
N GLN C 126 5.88 -18.92 -17.62
CA GLN C 126 4.61 -19.46 -18.11
C GLN C 126 3.42 -18.65 -17.56
N ALA C 127 2.61 -18.12 -18.49
CA ALA C 127 1.49 -17.19 -18.17
C ALA C 127 0.43 -17.80 -17.22
N PRO C 128 -0.15 -16.97 -16.32
CA PRO C 128 -1.15 -17.44 -15.34
C PRO C 128 -2.49 -17.80 -16.00
N PRO C 129 -3.23 -18.78 -15.42
CA PRO C 129 -4.52 -19.25 -15.98
C PRO C 129 -5.50 -18.12 -16.30
N LEU C 130 -6.25 -18.27 -17.39
CA LEU C 130 -7.21 -17.23 -17.82
C LEU C 130 -8.24 -16.92 -16.76
N VAL C 131 -8.84 -17.96 -16.19
CA VAL C 131 -9.84 -17.82 -15.12
C VAL C 131 -9.32 -16.86 -14.04
N LYS C 132 -8.12 -17.14 -13.55
CA LYS C 132 -7.47 -16.33 -12.52
C LYS C 132 -7.16 -14.90 -12.97
N ILE C 133 -6.95 -14.70 -14.27
CA ILE C 133 -6.63 -13.37 -14.76
C ILE C 133 -7.87 -12.49 -14.86
N LEU C 134 -9.01 -13.11 -15.16
CA LEU C 134 -10.29 -12.40 -15.27
C LEU C 134 -10.87 -12.07 -13.90
N LEU C 135 -10.81 -13.04 -12.98
CA LEU C 135 -11.23 -12.82 -11.60
C LEU C 135 -10.42 -11.70 -10.94
N ASP C 136 -9.16 -11.56 -11.36
CA ASP C 136 -8.25 -10.56 -10.79
C ASP C 136 -8.54 -9.13 -11.23
N ILE C 137 -9.49 -8.99 -12.15
CA ILE C 137 -9.97 -7.67 -12.52
C ILE C 137 -10.75 -7.07 -11.36
N VAL C 138 -11.48 -7.91 -10.62
CA VAL C 138 -12.21 -7.47 -9.43
C VAL C 138 -11.27 -7.44 -8.22
N PRO C 139 -10.88 -6.23 -7.76
CA PRO C 139 -9.86 -6.13 -6.70
C PRO C 139 -10.44 -6.50 -5.34
N THR C 140 -9.65 -7.19 -4.52
CA THR C 140 -10.13 -7.59 -3.20
C THR C 140 -9.92 -6.50 -2.14
N ASN C 141 -9.13 -5.49 -2.50
CA ASN C 141 -8.93 -4.33 -1.63
C ASN C 141 -8.57 -3.13 -2.50
N PRO C 142 -9.54 -2.20 -2.67
CA PRO C 142 -9.32 -1.00 -3.48
C PRO C 142 -8.07 -0.25 -3.06
N PHE C 143 -7.98 0.10 -1.79
CA PHE C 143 -6.82 0.84 -1.29
C PHE C 143 -5.55 0.09 -1.62
N GLY C 144 -5.63 -1.23 -1.65
CA GLY C 144 -4.50 -2.07 -2.03
C GLY C 144 -4.18 -1.87 -3.50
N ALA C 145 -5.22 -1.98 -4.32
CA ALA C 145 -5.06 -1.81 -5.75
C ALA C 145 -4.40 -0.48 -6.06
N LEU C 146 -4.88 0.59 -5.44
CA LEU C 146 -4.31 1.91 -5.67
C LEU C 146 -2.87 1.98 -5.22
N ALA C 147 -2.58 1.40 -4.07
CA ALA C 147 -1.28 1.49 -3.44
C ALA C 147 -0.18 0.98 -4.36
N ASN C 148 -0.35 -0.22 -4.90
CA ASN C 148 0.65 -0.79 -5.82
C ASN C 148 0.15 -0.93 -7.29
N GLY C 149 0.68 -0.08 -8.17
CA GLY C 149 0.33 -0.08 -9.59
C GLY C 149 -1.12 -0.42 -9.85
N GLN C 150 -1.34 -1.49 -10.61
CA GLN C 150 -2.67 -2.11 -10.86
C GLN C 150 -3.74 -1.21 -11.46
N VAL C 151 -3.58 -0.96 -12.76
CA VAL C 151 -4.50 -0.09 -13.51
C VAL C 151 -5.89 -0.75 -13.60
N LEU C 152 -5.95 -1.97 -14.14
CA LEU C 152 -7.22 -2.66 -14.40
C LEU C 152 -8.17 -2.86 -13.21
N PRO C 153 -7.63 -3.32 -12.06
CA PRO C 153 -8.52 -3.49 -10.91
C PRO C 153 -9.06 -2.14 -10.42
N THR C 154 -8.22 -1.12 -10.45
CA THR C 154 -8.64 0.25 -10.12
C THR C 154 -9.78 0.72 -11.02
N ILE C 155 -9.61 0.54 -12.33
CA ILE C 155 -10.65 0.84 -13.32
C ILE C 155 -11.99 0.29 -12.90
N PHE C 156 -12.00 -0.99 -12.52
CA PHE C 156 -13.22 -1.65 -12.10
C PHE C 156 -13.89 -0.94 -10.92
N PHE C 157 -13.15 -0.79 -9.83
CA PHE C 157 -13.67 -0.14 -8.62
C PHE C 157 -14.10 1.33 -8.81
N ALA C 158 -13.36 2.08 -9.64
CA ALA C 158 -13.68 3.48 -9.96
C ALA C 158 -15.05 3.62 -10.62
N ILE C 159 -15.40 2.66 -11.46
CA ILE C 159 -16.70 2.64 -12.12
C ILE C 159 -17.80 2.20 -11.15
N ILE C 160 -17.52 1.15 -10.38
CA ILE C 160 -18.45 0.68 -9.37
C ILE C 160 -18.75 1.79 -8.39
N LEU C 161 -17.75 2.62 -8.08
CA LEU C 161 -17.97 3.77 -7.21
C LEU C 161 -18.68 4.87 -7.98
N GLY C 162 -18.25 5.10 -9.22
CA GLY C 162 -18.87 6.10 -10.09
C GLY C 162 -20.37 5.91 -10.19
N ILE C 163 -20.79 4.67 -10.43
CA ILE C 163 -22.21 4.37 -10.54
C ILE C 163 -22.91 4.52 -9.19
N ALA C 164 -22.21 4.20 -8.12
CA ALA C 164 -22.77 4.30 -6.77
C ALA C 164 -23.09 5.74 -6.38
N ILE C 165 -22.18 6.66 -6.71
CA ILE C 165 -22.37 8.08 -6.41
C ILE C 165 -23.67 8.58 -7.07
N THR C 166 -23.82 8.30 -8.37
CA THR C 166 -24.98 8.71 -9.15
C THR C 166 -26.32 8.27 -8.52
N TYR C 167 -26.35 7.05 -7.99
CA TYR C 167 -27.55 6.51 -7.34
C TYR C 167 -27.82 7.17 -5.98
N LEU C 168 -26.80 7.85 -5.45
CA LEU C 168 -26.93 8.60 -4.21
C LEU C 168 -27.33 10.06 -4.47
N MET C 169 -27.05 10.55 -5.68
CA MET C 169 -27.47 11.89 -6.10
C MET C 169 -28.98 11.93 -6.31
N ASN C 170 -29.63 10.77 -6.17
CA ASN C 170 -31.07 10.61 -6.41
C ASN C 170 -31.92 10.37 -5.15
N SER C 171 -31.26 10.01 -4.05
CA SER C 171 -31.94 9.59 -2.84
C SER C 171 -32.97 10.61 -2.33
N GLU C 172 -34.07 10.09 -1.81
CA GLU C 172 -35.16 10.89 -1.25
C GLU C 172 -34.69 11.80 -0.11
N ASN C 173 -33.47 11.54 0.35
CA ASN C 173 -32.87 12.27 1.46
C ASN C 173 -32.05 13.47 0.98
N GLU C 174 -31.94 14.48 1.84
CA GLU C 174 -31.12 15.67 1.57
C GLU C 174 -29.66 15.48 1.99
N LYS C 175 -29.45 14.96 3.21
CA LYS C 175 -28.11 14.84 3.77
C LYS C 175 -27.29 13.75 3.07
N VAL C 176 -27.99 12.75 2.54
CA VAL C 176 -27.37 11.69 1.73
C VAL C 176 -26.86 12.29 0.42
N ARG C 177 -27.76 12.99 -0.28
CA ARG C 177 -27.45 13.65 -1.55
C ARG C 177 -26.36 14.72 -1.39
N LYS C 178 -26.26 15.30 -0.19
CA LYS C 178 -25.28 16.36 0.07
C LYS C 178 -23.87 15.82 0.33
N SER C 179 -23.78 14.58 0.78
CA SER C 179 -22.48 13.95 1.03
C SER C 179 -21.89 13.38 -0.25
N ALA C 180 -22.70 12.65 -1.01
CA ALA C 180 -22.30 12.15 -2.32
C ALA C 180 -21.90 13.31 -3.24
N GLU C 181 -22.49 14.47 -2.97
CA GLU C 181 -22.13 15.72 -3.67
C GLU C 181 -20.67 16.08 -3.40
N THR C 182 -20.33 16.20 -2.12
CA THR C 182 -19.00 16.64 -1.71
C THR C 182 -17.92 15.62 -2.08
N LEU C 183 -18.22 14.34 -1.92
CA LEU C 183 -17.27 13.28 -2.27
C LEU C 183 -16.94 13.32 -3.75
N LEU C 184 -17.97 13.33 -4.60
CA LEU C 184 -17.77 13.38 -6.04
C LEU C 184 -17.07 14.67 -6.47
N ASP C 185 -17.29 15.73 -5.71
CA ASP C 185 -16.60 17.00 -5.96
C ASP C 185 -15.12 16.93 -5.58
N ALA C 186 -14.83 16.40 -4.39
CA ALA C 186 -13.46 16.28 -3.91
C ALA C 186 -12.61 15.43 -4.85
N ILE C 187 -13.17 14.30 -5.28
CA ILE C 187 -12.51 13.40 -6.24
C ILE C 187 -12.24 14.14 -7.55
N ASN C 188 -13.19 14.96 -7.98
CA ASN C 188 -13.01 15.81 -9.15
C ASN C 188 -11.89 16.82 -8.94
N GLY C 189 -11.83 17.39 -7.74
CA GLY C 189 -10.76 18.28 -7.37
C GLY C 189 -9.42 17.68 -7.73
N LEU C 190 -9.20 16.45 -7.30
CA LEU C 190 -7.96 15.74 -7.59
C LEU C 190 -7.77 15.58 -9.08
N ALA C 191 -8.80 15.07 -9.75
CA ALA C 191 -8.79 14.88 -11.19
C ALA C 191 -8.41 16.17 -11.93
N GLU C 192 -9.00 17.29 -11.51
CA GLU C 192 -8.68 18.61 -12.08
C GLU C 192 -7.23 18.98 -11.80
N ALA C 193 -6.82 18.77 -10.55
CA ALA C 193 -5.49 19.13 -10.09
C ALA C 193 -4.42 18.34 -10.82
N MET C 194 -4.71 17.06 -11.03
CA MET C 194 -3.77 16.13 -11.67
C MET C 194 -3.52 16.49 -13.13
N TYR C 195 -4.58 16.84 -13.87
CA TYR C 195 -4.42 17.31 -15.24
C TYR C 195 -3.58 18.56 -15.30
N LYS C 196 -3.75 19.45 -14.32
CA LYS C 196 -3.00 20.69 -14.24
C LYS C 196 -1.51 20.43 -14.09
N ILE C 197 -1.16 19.38 -13.35
CA ILE C 197 0.24 19.00 -13.13
C ILE C 197 0.90 18.60 -14.44
N VAL C 198 0.24 17.78 -15.25
CA VAL C 198 0.87 17.28 -16.47
C VAL C 198 1.28 18.43 -17.38
N ASN C 199 0.53 19.54 -17.31
CA ASN C 199 0.84 20.77 -18.07
C ASN C 199 2.20 21.35 -17.69
N GLY C 200 2.56 21.21 -16.41
CA GLY C 200 3.86 21.63 -15.92
C GLY C 200 4.94 20.61 -16.21
N VAL C 201 4.58 19.32 -16.12
CA VAL C 201 5.54 18.24 -16.36
C VAL C 201 5.92 18.22 -17.84
N MET C 202 4.95 18.51 -18.70
CA MET C 202 5.22 18.63 -20.11
C MET C 202 6.17 19.79 -20.41
N GLN C 203 6.41 20.65 -19.42
CA GLN C 203 7.35 21.76 -19.56
C GLN C 203 8.79 21.25 -19.48
N TYR C 204 8.99 20.19 -18.71
CA TYR C 204 10.30 19.57 -18.57
C TYR C 204 10.54 18.55 -19.69
N ALA C 205 9.47 18.22 -20.42
CA ALA C 205 9.51 17.22 -21.49
C ALA C 205 10.67 17.36 -22.48
N PRO C 206 10.92 18.59 -22.98
CA PRO C 206 12.06 18.81 -23.87
C PRO C 206 13.37 18.19 -23.35
N ILE C 207 13.77 18.55 -22.13
CA ILE C 207 15.00 18.03 -21.51
C ILE C 207 14.94 16.51 -21.42
N GLY C 208 13.80 16.00 -20.95
CA GLY C 208 13.57 14.57 -20.83
C GLY C 208 13.64 13.84 -22.15
N VAL C 209 12.86 14.32 -23.12
CA VAL C 209 12.84 13.76 -24.47
C VAL C 209 14.23 13.67 -25.08
N PHE C 210 14.98 14.78 -24.98
CA PHE C 210 16.36 14.83 -25.45
C PHE C 210 17.20 13.75 -24.78
N ALA C 211 17.21 13.77 -23.45
CA ALA C 211 17.98 12.83 -22.67
C ALA C 211 17.60 11.38 -22.95
N LEU C 212 16.30 11.13 -23.10
CA LEU C 212 15.79 9.77 -23.24
C LEU C 212 16.21 9.03 -24.50
N ILE C 213 16.11 9.68 -25.67
CA ILE C 213 16.56 9.04 -26.92
C ILE C 213 18.06 9.15 -27.15
N ALA C 214 18.69 10.13 -26.51
CA ALA C 214 20.14 10.22 -26.47
C ALA C 214 20.68 8.90 -25.98
N TYR C 215 19.99 8.30 -25.01
CA TYR C 215 20.36 7.01 -24.44
C TYR C 215 20.04 5.82 -25.33
N VAL C 216 18.83 5.78 -25.87
CA VAL C 216 18.41 4.67 -26.73
C VAL C 216 19.34 4.56 -27.95
N MET C 217 19.67 5.70 -28.54
CA MET C 217 20.51 5.73 -29.74
C MET C 217 21.98 5.38 -29.46
N ALA C 218 22.50 5.84 -28.32
CA ALA C 218 23.88 5.55 -27.96
C ALA C 218 24.08 4.07 -27.61
N GLU C 219 23.06 3.48 -27.00
CA GLU C 219 23.12 2.10 -26.49
C GLU C 219 22.81 1.06 -27.56
N GLN C 220 21.85 1.36 -28.43
CA GLN C 220 21.41 0.37 -29.41
C GLN C 220 21.42 0.85 -30.85
N GLY C 221 21.72 2.13 -31.06
CA GLY C 221 21.77 2.70 -32.41
C GLY C 221 22.77 2.02 -33.30
N VAL C 222 23.96 1.78 -32.76
CA VAL C 222 25.07 1.18 -33.51
C VAL C 222 24.76 -0.24 -34.00
N LYS C 223 23.88 -0.93 -33.29
CA LYS C 223 23.51 -2.32 -33.61
C LYS C 223 22.49 -2.45 -34.75
N VAL C 224 21.99 -1.32 -35.25
CA VAL C 224 21.00 -1.32 -36.32
C VAL C 224 21.65 -1.37 -37.70
N VAL C 225 22.41 -2.45 -37.96
CA VAL C 225 22.98 -2.70 -39.29
C VAL C 225 22.77 -4.17 -39.68
N GLY C 226 22.83 -4.45 -40.98
CA GLY C 226 22.67 -5.81 -41.49
C GLY C 226 21.23 -6.27 -41.44
N GLU C 227 21.02 -7.55 -41.12
CA GLU C 227 19.69 -8.12 -41.02
C GLU C 227 18.89 -7.49 -39.88
N LEU C 228 19.60 -7.03 -38.86
CA LEU C 228 18.99 -6.30 -37.76
C LEU C 228 18.56 -4.88 -38.15
N ALA C 229 18.86 -4.49 -39.39
CA ALA C 229 18.38 -3.22 -39.94
C ALA C 229 17.15 -3.45 -40.79
N LYS C 230 17.16 -4.53 -41.58
CA LYS C 230 16.03 -4.90 -42.43
C LYS C 230 14.78 -5.19 -41.63
N VAL C 231 14.95 -5.71 -40.41
CA VAL C 231 13.83 -5.93 -39.50
C VAL C 231 13.29 -4.60 -38.99
N THR C 232 14.19 -3.64 -38.75
CA THR C 232 13.81 -2.31 -38.27
C THR C 232 13.00 -1.54 -39.30
N ALA C 233 13.40 -1.65 -40.56
CA ALA C 233 12.65 -1.07 -41.67
C ALA C 233 11.30 -1.74 -41.79
N ALA C 234 11.29 -3.07 -41.67
CA ALA C 234 10.06 -3.87 -41.74
C ALA C 234 9.06 -3.46 -40.66
N VAL C 235 9.54 -3.23 -39.44
CA VAL C 235 8.69 -2.78 -38.33
C VAL C 235 8.18 -1.35 -38.59
N TYR C 236 9.08 -0.41 -38.85
CA TYR C 236 8.72 0.99 -38.99
C TYR C 236 7.83 1.30 -40.20
N VAL C 237 8.15 0.71 -41.35
CA VAL C 237 7.32 0.88 -42.56
C VAL C 237 5.95 0.24 -42.34
N GLY C 238 5.93 -0.85 -41.58
CA GLY C 238 4.68 -1.49 -41.15
C GLY C 238 3.87 -0.63 -40.21
N LEU C 239 4.54 -0.04 -39.22
CA LEU C 239 3.90 0.86 -38.26
C LEU C 239 3.36 2.10 -38.93
N THR C 240 4.08 2.61 -39.93
CA THR C 240 3.63 3.76 -40.72
C THR C 240 2.28 3.46 -41.40
N LEU C 241 2.15 2.26 -41.95
CA LEU C 241 0.90 1.83 -42.59
C LEU C 241 -0.25 1.64 -41.62
N GLN C 242 0.03 1.20 -40.40
CA GLN C 242 -1.00 1.10 -39.39
C GLN C 242 -1.62 2.49 -39.14
N ILE C 243 -0.80 3.53 -39.22
CA ILE C 243 -1.27 4.90 -39.01
C ILE C 243 -2.04 5.41 -40.23
N LEU C 244 -1.37 5.46 -41.38
CA LEU C 244 -1.98 5.96 -42.61
C LEU C 244 -3.09 5.05 -43.15
N LEU C 245 -2.80 3.77 -43.27
CA LEU C 245 -3.72 2.82 -43.91
C LEU C 245 -4.84 2.31 -42.98
N VAL C 246 -4.70 2.48 -41.66
CA VAL C 246 -5.70 1.97 -40.71
C VAL C 246 -6.38 3.05 -39.85
N TYR C 247 -5.60 3.97 -39.30
CA TYR C 247 -6.15 5.04 -38.44
C TYR C 247 -6.74 6.19 -39.26
N PHE C 248 -5.93 6.75 -40.15
CA PHE C 248 -6.37 7.80 -41.10
C PHE C 248 -7.58 7.36 -41.91
N VAL C 249 -7.63 6.07 -42.21
CA VAL C 249 -8.75 5.48 -42.94
C VAL C 249 -10.01 5.45 -42.07
N LEU C 250 -9.90 4.90 -40.86
CA LEU C 250 -11.04 4.81 -39.94
C LEU C 250 -11.49 6.15 -39.35
N LEU C 251 -10.60 7.14 -39.34
CA LEU C 251 -10.93 8.48 -38.87
C LEU C 251 -11.79 9.23 -39.91
N LYS C 252 -11.37 9.15 -41.18
CA LYS C 252 -12.15 9.71 -42.27
C LYS C 252 -13.54 9.07 -42.34
N ILE C 253 -13.56 7.73 -42.29
CA ILE C 253 -14.81 6.96 -42.31
C ILE C 253 -15.81 7.47 -41.26
N TYR C 254 -15.30 7.82 -40.09
CA TYR C 254 -16.16 8.21 -38.97
C TYR C 254 -16.37 9.73 -38.81
N GLY C 255 -16.06 10.49 -39.85
CA GLY C 255 -16.36 11.92 -39.88
C GLY C 255 -15.48 12.76 -38.96
N ILE C 256 -14.25 12.32 -38.77
CA ILE C 256 -13.25 13.06 -38.03
C ILE C 256 -12.16 13.49 -39.01
N ASP C 257 -11.47 14.57 -38.71
CA ASP C 257 -10.37 15.04 -39.54
C ASP C 257 -9.04 14.43 -39.08
N PRO C 258 -8.41 13.60 -39.92
CA PRO C 258 -7.15 12.93 -39.58
C PRO C 258 -6.02 13.88 -39.22
N ILE C 259 -5.84 14.94 -40.01
CA ILE C 259 -4.72 15.87 -39.82
C ILE C 259 -4.78 16.68 -38.51
N SER C 260 -5.97 17.16 -38.16
CA SER C 260 -6.14 17.93 -36.91
C SER C 260 -6.28 17.05 -35.67
N PHE C 261 -6.43 15.74 -35.88
CA PHE C 261 -6.40 14.75 -34.81
C PHE C 261 -4.95 14.46 -34.46
N ILE C 262 -4.11 14.29 -35.48
CA ILE C 262 -2.67 14.12 -35.30
C ILE C 262 -2.06 15.38 -34.67
N LYS C 263 -2.60 16.54 -35.03
CA LYS C 263 -2.21 17.81 -34.42
C LYS C 263 -2.45 17.81 -32.90
N LYS C 264 -3.65 17.36 -32.50
CA LYS C 264 -4.05 17.35 -31.09
C LYS C 264 -3.40 16.24 -30.27
N ALA C 265 -3.15 15.11 -30.92
CA ALA C 265 -2.56 13.94 -30.26
C ALA C 265 -1.02 13.98 -30.21
N LYS C 266 -0.43 15.02 -30.79
CA LYS C 266 1.03 15.16 -30.94
C LYS C 266 1.83 14.84 -29.66
N ASP C 267 1.37 15.37 -28.53
CA ASP C 267 2.09 15.23 -27.26
C ASP C 267 2.09 13.79 -26.72
N ALA C 268 0.92 13.16 -26.72
CA ALA C 268 0.78 11.78 -26.27
C ALA C 268 1.60 10.85 -27.16
N MET C 269 1.70 11.19 -28.44
CA MET C 269 2.44 10.37 -29.41
C MET C 269 3.95 10.40 -29.17
N LEU C 270 4.48 11.60 -28.93
CA LEU C 270 5.92 11.75 -28.71
C LEU C 270 6.35 11.29 -27.33
N THR C 271 5.52 11.51 -26.31
CA THR C 271 5.78 10.95 -24.99
C THR C 271 5.87 9.43 -25.12
N ALA C 272 4.84 8.82 -25.73
CA ALA C 272 4.76 7.37 -25.92
C ALA C 272 5.95 6.81 -26.69
N PHE C 273 6.42 7.56 -27.68
CA PHE C 273 7.56 7.18 -28.49
C PHE C 273 8.87 7.24 -27.70
N VAL C 274 9.10 8.37 -27.05
CA VAL C 274 10.31 8.59 -26.26
C VAL C 274 10.34 7.72 -25.00
N THR C 275 9.19 7.62 -24.33
CA THR C 275 9.13 7.00 -23.01
C THR C 275 9.01 5.47 -23.04
N ARG C 276 8.50 4.94 -24.14
CA ARG C 276 8.27 3.49 -24.32
C ARG C 276 7.28 2.88 -23.33
N SER C 277 6.70 3.72 -22.47
CA SER C 277 5.73 3.27 -21.49
C SER C 277 4.33 3.72 -21.86
N SER C 278 3.55 2.80 -22.44
CA SER C 278 2.14 3.08 -22.79
C SER C 278 1.37 3.51 -21.55
N SER C 279 1.73 2.92 -20.42
CA SER C 279 1.11 3.23 -19.14
C SER C 279 1.63 4.54 -18.57
N GLY C 280 2.94 4.74 -18.68
CA GLY C 280 3.60 5.95 -18.19
C GLY C 280 3.18 7.19 -18.96
N THR C 281 2.67 6.99 -20.17
CA THR C 281 2.22 8.08 -21.03
C THR C 281 0.80 8.52 -20.67
N LEU C 282 0.07 7.67 -19.95
CA LEU C 282 -1.37 7.86 -19.70
C LEU C 282 -1.84 9.27 -19.30
N PRO C 283 -1.16 9.93 -18.34
CA PRO C 283 -1.58 11.29 -18.04
C PRO C 283 -1.57 12.21 -19.25
N VAL C 284 -0.57 12.08 -20.13
CA VAL C 284 -0.52 12.89 -21.37
C VAL C 284 -1.53 12.41 -22.40
N THR C 285 -1.64 11.09 -22.58
CA THR C 285 -2.63 10.48 -23.47
C THR C 285 -4.04 10.94 -23.09
N MET C 286 -4.28 11.03 -21.78
CA MET C 286 -5.57 11.46 -21.25
C MET C 286 -5.79 12.97 -21.39
N ARG C 287 -4.75 13.77 -21.14
CA ARG C 287 -4.91 15.21 -21.26
C ARG C 287 -5.24 15.55 -22.70
N VAL C 288 -4.52 14.94 -23.64
CA VAL C 288 -4.78 15.14 -25.06
C VAL C 288 -6.21 14.75 -25.46
N ALA C 289 -6.80 13.80 -24.73
CA ALA C 289 -8.19 13.42 -24.96
C ALA C 289 -9.14 14.56 -24.55
N LYS C 290 -8.86 15.18 -23.40
CA LYS C 290 -9.61 16.34 -22.91
C LYS C 290 -9.36 17.57 -23.78
N GLU C 291 -8.16 17.67 -24.35
CA GLU C 291 -7.76 18.77 -25.24
C GLU C 291 -8.61 18.82 -26.50
N MET C 292 -8.81 17.67 -27.13
CA MET C 292 -9.70 17.57 -28.29
C MET C 292 -11.16 17.49 -27.87
N GLY C 293 -11.40 17.56 -26.56
CA GLY C 293 -12.74 17.71 -25.99
C GLY C 293 -13.64 16.50 -26.06
N ILE C 294 -13.06 15.32 -25.96
CA ILE C 294 -13.83 14.08 -25.87
C ILE C 294 -14.45 14.03 -24.47
N SER C 295 -15.64 13.43 -24.36
CA SER C 295 -16.34 13.30 -23.08
C SER C 295 -15.49 12.57 -22.03
N GLU C 296 -15.41 13.15 -20.83
CA GLU C 296 -14.66 12.53 -19.73
C GLU C 296 -15.26 11.17 -19.37
N GLY C 297 -16.57 11.04 -19.65
CA GLY C 297 -17.27 9.77 -19.54
C GLY C 297 -16.60 8.68 -20.35
N ILE C 298 -16.37 8.94 -21.63
CA ILE C 298 -15.78 7.97 -22.54
C ILE C 298 -14.26 7.76 -22.32
N TYR C 299 -13.47 8.81 -22.43
CA TYR C 299 -12.01 8.65 -22.45
C TYR C 299 -11.39 8.14 -21.15
N SER C 300 -12.08 8.39 -20.03
CA SER C 300 -11.57 7.99 -18.73
C SER C 300 -11.71 6.49 -18.50
N PHE C 301 -12.46 5.83 -19.37
CA PHE C 301 -12.63 4.39 -19.33
C PHE C 301 -11.87 3.70 -20.46
N THR C 302 -11.99 4.24 -21.67
CA THR C 302 -11.39 3.65 -22.86
C THR C 302 -9.87 3.68 -22.85
N LEU C 303 -9.29 4.82 -22.44
CA LEU C 303 -7.83 5.00 -22.48
C LEU C 303 -7.02 4.16 -21.49
N PRO C 304 -7.46 4.07 -20.23
CA PRO C 304 -6.68 3.24 -19.31
C PRO C 304 -6.84 1.76 -19.61
N LEU C 305 -8.04 1.36 -20.04
CA LEU C 305 -8.28 -0.01 -20.47
C LEU C 305 -7.48 -0.30 -21.72
N GLY C 306 -7.44 0.68 -22.63
CA GLY C 306 -6.70 0.57 -23.88
C GLY C 306 -5.20 0.65 -23.72
N ALA C 307 -4.75 1.29 -22.63
CA ALA C 307 -3.33 1.36 -22.28
C ALA C 307 -2.76 -0.03 -22.00
N THR C 308 -3.66 -0.97 -21.72
CA THR C 308 -3.28 -2.34 -21.38
C THR C 308 -3.73 -3.32 -22.46
N ILE C 309 -4.96 -3.17 -22.93
CA ILE C 309 -5.54 -4.11 -23.89
C ILE C 309 -5.18 -3.83 -25.36
N ASN C 310 -5.23 -2.58 -25.79
CA ASN C 310 -4.98 -2.26 -27.21
C ASN C 310 -3.54 -1.91 -27.57
N MET C 311 -2.81 -2.90 -28.08
CA MET C 311 -1.44 -2.69 -28.47
C MET C 311 -1.24 -3.10 -29.92
N ASP C 312 -1.73 -2.26 -30.83
CA ASP C 312 -1.63 -2.49 -32.28
C ASP C 312 -0.16 -2.50 -32.71
N GLY C 313 0.59 -1.52 -32.21
CA GLY C 313 2.02 -1.38 -32.53
C GLY C 313 2.81 -2.61 -32.16
N THR C 314 2.61 -3.09 -30.93
CA THR C 314 3.31 -4.27 -30.42
C THR C 314 2.86 -5.55 -31.14
N ALA C 315 1.56 -5.64 -31.42
CA ALA C 315 1.00 -6.76 -32.17
C ALA C 315 1.64 -6.91 -33.56
N LEU C 316 2.06 -5.79 -34.15
CA LEU C 316 2.79 -5.77 -35.42
C LEU C 316 4.23 -6.28 -35.22
N TYR C 317 4.88 -5.79 -34.16
CA TYR C 317 6.24 -6.21 -33.80
C TYR C 317 6.33 -7.70 -33.57
N GLN C 318 5.28 -8.26 -32.97
CA GLN C 318 5.20 -9.70 -32.74
C GLN C 318 5.03 -10.46 -34.05
N GLY C 319 4.38 -9.85 -35.03
CA GLY C 319 4.19 -10.47 -36.34
C GLY C 319 5.48 -10.52 -37.14
N VAL C 320 6.25 -9.44 -37.07
CA VAL C 320 7.47 -9.30 -37.88
C VAL C 320 8.69 -9.94 -37.21
N CYS C 321 8.57 -10.27 -35.92
CA CYS C 321 9.61 -11.03 -35.23
C CYS C 321 9.44 -12.53 -35.42
N THR C 322 8.18 -12.98 -35.38
CA THR C 322 7.84 -14.38 -35.64
C THR C 322 8.31 -14.79 -37.04
N PHE C 323 8.49 -13.82 -37.92
CA PHE C 323 9.06 -14.10 -39.24
C PHE C 323 10.57 -13.94 -39.32
N PHE C 324 11.15 -13.13 -38.43
CA PHE C 324 12.60 -13.00 -38.37
C PHE C 324 13.22 -14.29 -37.83
N ILE C 325 12.63 -14.82 -36.75
CA ILE C 325 13.08 -16.06 -36.13
C ILE C 325 12.89 -17.26 -37.08
N ALA C 326 11.73 -17.31 -37.73
CA ALA C 326 11.41 -18.38 -38.67
C ALA C 326 12.38 -18.44 -39.86
N ASN C 327 12.72 -17.26 -40.39
CA ASN C 327 13.67 -17.16 -41.50
C ASN C 327 15.11 -17.50 -41.09
N ALA C 328 15.49 -17.12 -39.87
CA ALA C 328 16.83 -17.39 -39.34
C ALA C 328 17.03 -18.88 -39.01
N LEU C 329 15.95 -19.53 -38.55
CA LEU C 329 15.96 -20.97 -38.33
C LEU C 329 15.94 -21.74 -39.65
N GLY C 330 15.36 -21.12 -40.68
CA GLY C 330 15.39 -21.66 -42.03
C GLY C 330 14.24 -22.57 -42.38
N SER C 331 13.02 -22.18 -41.98
CA SER C 331 11.80 -22.88 -42.36
C SER C 331 10.62 -21.92 -42.39
N HIS C 332 10.00 -21.78 -43.56
CA HIS C 332 8.89 -20.85 -43.75
C HIS C 332 7.59 -21.37 -43.13
N LEU C 333 6.59 -20.49 -43.05
CA LEU C 333 5.32 -20.80 -42.42
C LEU C 333 4.18 -20.75 -43.43
N THR C 334 3.21 -21.65 -43.29
CA THR C 334 2.07 -21.74 -44.22
C THR C 334 0.86 -20.93 -43.75
N VAL C 335 -0.22 -21.01 -44.52
CA VAL C 335 -1.49 -20.35 -44.22
C VAL C 335 -2.04 -20.75 -42.83
N GLY C 336 -1.96 -22.04 -42.50
CA GLY C 336 -2.43 -22.56 -41.22
C GLY C 336 -1.53 -22.21 -40.05
N GLN C 337 -0.27 -21.90 -40.36
CA GLN C 337 0.69 -21.44 -39.37
C GLN C 337 0.66 -19.92 -39.20
N GLN C 338 0.51 -19.19 -40.30
CA GLN C 338 0.44 -17.73 -40.27
C GLN C 338 -0.82 -17.23 -39.57
N LEU C 339 -1.94 -17.91 -39.80
CA LEU C 339 -3.18 -17.60 -39.11
C LEU C 339 -3.16 -18.02 -37.64
N THR C 340 -2.29 -18.98 -37.33
CA THR C 340 -2.09 -19.38 -35.94
C THR C 340 -1.30 -18.32 -35.16
N ILE C 341 -0.54 -17.50 -35.90
CA ILE C 341 0.15 -16.35 -35.32
C ILE C 341 -0.88 -15.28 -35.00
N VAL C 342 -1.64 -14.85 -36.00
CA VAL C 342 -2.60 -13.75 -35.86
C VAL C 342 -3.51 -13.93 -34.65
N LEU C 343 -3.98 -15.16 -34.43
CA LEU C 343 -4.86 -15.46 -33.30
C LEU C 343 -4.13 -15.41 -31.95
N THR C 344 -2.94 -16.01 -31.89
CA THR C 344 -2.18 -16.04 -30.64
C THR C 344 -1.61 -14.66 -30.30
N ALA C 345 -1.23 -13.90 -31.32
CA ALA C 345 -0.67 -12.55 -31.14
C ALA C 345 -1.71 -11.56 -30.64
N VAL C 346 -2.96 -11.73 -31.07
CA VAL C 346 -4.08 -10.97 -30.51
C VAL C 346 -4.29 -11.41 -29.06
N LEU C 347 -4.36 -12.72 -28.84
CA LEU C 347 -4.56 -13.30 -27.50
C LEU C 347 -3.37 -13.13 -26.56
N ALA C 348 -2.26 -12.59 -27.07
CA ALA C 348 -1.09 -12.26 -26.26
C ALA C 348 -0.76 -10.77 -26.27
N SER C 349 -1.45 -9.99 -27.10
CA SER C 349 -1.41 -8.54 -26.98
C SER C 349 -2.56 -8.11 -26.10
N ILE C 350 -3.52 -9.01 -25.87
CA ILE C 350 -4.58 -8.79 -24.88
C ILE C 350 -4.00 -8.88 -23.46
N GLY C 351 -2.89 -9.61 -23.33
CA GLY C 351 -2.27 -9.87 -22.04
C GLY C 351 -0.90 -9.26 -21.83
N THR C 352 -0.31 -8.73 -22.90
CA THR C 352 1.02 -8.09 -22.85
C THR C 352 1.00 -6.82 -21.98
N ALA C 353 2.05 -6.63 -21.18
CA ALA C 353 2.12 -5.52 -20.21
C ALA C 353 2.37 -4.15 -20.87
N GLY C 354 2.02 -3.09 -20.14
CA GLY C 354 2.23 -1.73 -20.63
C GLY C 354 3.42 -1.03 -20.00
N VAL C 355 4.61 -1.55 -20.25
CA VAL C 355 5.87 -1.05 -19.68
C VAL C 355 7.07 -1.41 -20.59
N PRO C 356 8.09 -0.53 -20.66
CA PRO C 356 9.28 -0.71 -21.48
C PRO C 356 9.65 -2.16 -21.79
N GLY C 357 9.47 -2.54 -23.05
CA GLY C 357 9.96 -3.82 -23.57
C GLY C 357 9.25 -5.09 -23.13
N ALA C 358 8.66 -5.08 -21.92
CA ALA C 358 8.03 -6.27 -21.34
C ALA C 358 6.82 -6.80 -22.14
N GLY C 359 6.60 -6.19 -23.31
CA GLY C 359 5.64 -6.71 -24.28
C GLY C 359 6.35 -7.64 -25.25
N ALA C 360 7.58 -7.27 -25.61
CA ALA C 360 8.46 -8.07 -26.45
C ALA C 360 8.98 -9.34 -25.74
N ILE C 361 8.48 -9.59 -24.54
CA ILE C 361 8.82 -10.78 -23.75
C ILE C 361 7.67 -11.79 -23.73
N MET C 362 6.49 -11.34 -24.16
CA MET C 362 5.33 -12.21 -24.34
C MET C 362 5.24 -12.70 -25.77
N LEU C 363 6.20 -12.26 -26.58
CA LEU C 363 6.47 -12.82 -27.90
C LEU C 363 6.88 -14.30 -27.77
N ALA C 364 7.36 -14.67 -26.59
CA ALA C 364 7.75 -16.05 -26.25
C ALA C 364 6.57 -17.01 -26.26
N MET C 365 5.36 -16.46 -26.26
CA MET C 365 4.13 -17.23 -26.23
C MET C 365 3.56 -17.43 -27.63
N VAL C 366 3.84 -16.48 -28.52
CA VAL C 366 3.41 -16.56 -29.93
C VAL C 366 4.49 -17.26 -30.79
N LEU C 367 5.59 -17.64 -30.16
CA LEU C 367 6.65 -18.40 -30.82
C LEU C 367 6.50 -19.91 -30.62
N GLU C 368 5.90 -20.29 -29.49
CA GLU C 368 5.57 -21.69 -29.22
C GLU C 368 4.35 -22.15 -29.99
N SER C 369 3.48 -21.20 -30.32
CA SER C 369 2.24 -21.48 -31.03
C SER C 369 2.46 -21.91 -32.48
N VAL C 370 3.56 -21.43 -33.08
CA VAL C 370 3.92 -21.85 -34.43
C VAL C 370 4.70 -23.16 -34.44
N GLY C 371 5.49 -23.38 -33.39
CA GLY C 371 6.21 -24.63 -33.22
C GLY C 371 7.71 -24.50 -33.03
N LEU C 372 8.17 -23.28 -32.77
CA LEU C 372 9.59 -23.03 -32.51
C LEU C 372 9.81 -22.36 -31.15
N PRO C 373 9.83 -23.17 -30.07
CA PRO C 373 9.95 -22.68 -28.69
C PRO C 373 11.22 -21.88 -28.42
N LEU C 374 11.17 -21.06 -27.38
CA LEU C 374 12.24 -20.12 -27.06
C LEU C 374 13.42 -20.78 -26.34
N THR C 375 13.19 -21.97 -25.78
CA THR C 375 14.21 -22.73 -25.05
C THR C 375 15.25 -23.33 -25.98
N ASP C 376 14.83 -23.56 -27.23
CA ASP C 376 15.66 -24.11 -28.30
C ASP C 376 16.91 -23.26 -28.55
N PRO C 377 18.11 -23.82 -28.26
CA PRO C 377 19.41 -23.14 -28.32
C PRO C 377 19.64 -22.19 -29.50
N ASN C 378 19.24 -22.59 -30.71
CA ASN C 378 19.41 -21.73 -31.90
C ASN C 378 18.29 -20.70 -32.15
N VAL C 379 17.09 -21.02 -31.70
CA VAL C 379 16.01 -20.04 -31.63
C VAL C 379 16.40 -18.93 -30.64
N ALA C 380 16.89 -19.36 -29.47
CA ALA C 380 17.25 -18.43 -28.39
C ALA C 380 18.40 -17.50 -28.74
N ALA C 381 19.34 -17.97 -29.55
CA ALA C 381 20.47 -17.15 -29.99
C ALA C 381 20.07 -16.17 -31.09
N ALA C 382 18.97 -16.47 -31.78
CA ALA C 382 18.40 -15.57 -32.80
C ALA C 382 17.57 -14.46 -32.17
N TYR C 383 16.78 -14.82 -31.16
CA TYR C 383 15.99 -13.89 -30.35
C TYR C 383 16.90 -12.92 -29.59
N ALA C 384 18.11 -13.37 -29.29
CA ALA C 384 19.11 -12.56 -28.60
C ALA C 384 19.49 -11.31 -29.40
N MET C 385 19.57 -11.46 -30.73
CA MET C 385 19.87 -10.32 -31.62
C MET C 385 18.71 -9.34 -31.66
N ILE C 386 17.48 -9.87 -31.77
CA ILE C 386 16.26 -9.06 -31.78
C ILE C 386 16.11 -8.23 -30.52
N LEU C 387 16.37 -8.86 -29.37
CA LEU C 387 16.33 -8.18 -28.08
C LEU C 387 17.47 -7.18 -27.97
N GLY C 388 18.47 -7.30 -28.86
CA GLY C 388 19.60 -6.39 -28.91
C GLY C 388 19.27 -5.01 -29.48
N ILE C 389 18.20 -4.92 -30.27
CA ILE C 389 17.74 -3.65 -30.81
C ILE C 389 16.30 -3.38 -30.38
N ASP C 390 15.93 -3.92 -29.23
CA ASP C 390 14.54 -3.83 -28.76
C ASP C 390 14.08 -2.40 -28.46
N ALA C 391 14.89 -1.64 -27.74
CA ALA C 391 14.56 -0.26 -27.37
C ALA C 391 14.36 0.65 -28.59
N ILE C 392 15.01 0.33 -29.70
CA ILE C 392 14.76 1.04 -30.96
C ILE C 392 13.39 0.68 -31.51
N LEU C 393 13.12 -0.62 -31.62
CA LEU C 393 11.86 -1.11 -32.17
C LEU C 393 10.69 -0.74 -31.27
N ASP C 394 10.97 -0.64 -29.97
CA ASP C 394 9.92 -0.44 -28.97
C ASP C 394 9.43 1.01 -28.88
N MET C 395 10.25 1.95 -29.35
CA MET C 395 9.86 3.36 -29.39
C MET C 395 8.68 3.51 -30.35
N GLY C 396 8.89 3.07 -31.58
CA GLY C 396 7.83 3.13 -32.58
C GLY C 396 6.58 2.39 -32.15
N CYS C 397 6.78 1.19 -31.62
CA CYS C 397 5.68 0.34 -31.21
C CYS C 397 4.78 1.01 -30.19
N THR C 398 5.39 1.55 -29.14
CA THR C 398 4.64 2.16 -28.04
C THR C 398 3.86 3.40 -28.50
N MET C 399 4.39 4.09 -29.50
CA MET C 399 3.71 5.25 -30.07
C MET C 399 2.42 4.82 -30.76
N VAL C 400 2.52 3.81 -31.62
CA VAL C 400 1.37 3.28 -32.36
C VAL C 400 0.40 2.57 -31.40
N ASN C 401 0.94 1.95 -30.36
CA ASN C 401 0.15 1.40 -29.26
C ASN C 401 -0.81 2.46 -28.70
N VAL C 402 -0.22 3.58 -28.27
CA VAL C 402 -0.93 4.69 -27.64
C VAL C 402 -1.84 5.44 -28.64
N THR C 403 -1.33 5.70 -29.85
CA THR C 403 -2.12 6.36 -30.88
C THR C 403 -3.41 5.60 -31.14
N GLY C 404 -3.28 4.28 -31.32
CA GLY C 404 -4.43 3.39 -31.52
C GLY C 404 -5.54 3.52 -30.50
N ASP C 405 -5.17 3.90 -29.27
CA ASP C 405 -6.13 4.11 -28.18
C ASP C 405 -6.92 5.40 -28.39
N LEU C 406 -6.22 6.47 -28.76
CA LEU C 406 -6.86 7.76 -28.99
C LEU C 406 -7.82 7.69 -30.17
N THR C 407 -7.39 6.98 -31.21
CA THR C 407 -8.18 6.75 -32.41
C THR C 407 -9.50 6.06 -32.08
N GLY C 408 -9.44 5.05 -31.21
CA GLY C 408 -10.61 4.29 -30.80
C GLY C 408 -11.57 5.10 -29.97
N THR C 409 -11.03 5.88 -29.04
CA THR C 409 -11.80 6.79 -28.20
C THR C 409 -12.55 7.80 -29.08
N ALA C 410 -11.82 8.43 -29.99
CA ALA C 410 -12.39 9.41 -30.92
C ALA C 410 -13.55 8.84 -31.73
N ILE C 411 -13.42 7.58 -32.15
CA ILE C 411 -14.46 6.91 -32.95
C ILE C 411 -15.71 6.60 -32.10
N VAL C 412 -15.49 6.02 -30.92
CA VAL C 412 -16.58 5.71 -29.98
C VAL C 412 -17.26 6.99 -29.49
N ALA C 413 -16.48 8.07 -29.33
CA ALA C 413 -16.99 9.37 -28.89
C ALA C 413 -17.88 10.02 -29.93
N LYS C 414 -17.55 9.82 -31.20
CA LYS C 414 -18.34 10.32 -32.33
C LYS C 414 -19.71 9.67 -32.34
N THR C 415 -19.75 8.37 -32.03
CA THR C 415 -21.00 7.61 -31.91
C THR C 415 -21.51 7.52 -30.45
N GLU C 416 -20.93 8.34 -29.57
CA GLU C 416 -21.38 8.53 -28.17
C GLU C 416 -21.48 7.24 -27.35
#